data_4DB2
#
_entry.id   4DB2
#
_cell.length_a   160.534
_cell.length_b   88.422
_cell.length_c   121.238
_cell.angle_alpha   90.00
_cell.angle_beta   90.00
_cell.angle_gamma   90.00
#
_symmetry.space_group_name_H-M   'P 21 21 2'
#
loop_
_entity.id
_entity.type
_entity.pdbx_description
1 polymer 'ATP-dependent RNA helicase MSS116, mitochondrial'
2 polymer "5'-R(*GP*GP*GP*CP*GP*GP*GP*CP*CP*CP*GP*CP*CP*C)-3'"
#
loop_
_entity_poly.entity_id
_entity_poly.type
_entity_poly.pdbx_seq_one_letter_code
_entity_poly.pdbx_strand_id
1 'polypeptide(L)'
;SIDQSVVISEKFANSIFAAVEHIKKQIKERDSNYKAIIFAPTVKFTSFLCSILKNEFKKDLPILEFHGKITQNKRTSLVK
RFKKDESGILVCTDVGARGMDFPNVHEVLQIGVPSELANYIHRIGRTARSGKEGSSVLFICKDELPFVRELEDAKNIVIA
KQEKYEPSEEIKSEVLEAVTEEPEDISDIVISLISSYRSCIKEYRFSERRILPEIASTYGVLLNDPQLKIPVSRRFLDKL
GLSRSPIGKAMFEIRDY
;
A,B,C,D
2 'polyribonucleotide' GGGCGGGCCCGCCC E,F,G,H,I,J
#
# COMPACT_ATOMS: atom_id res chain seq x y z
N SER A 1 19.67 4.52 -31.44
CA SER A 1 18.25 4.87 -31.48
C SER A 1 17.99 6.15 -30.71
N ILE A 2 19.00 6.65 -30.00
CA ILE A 2 18.83 7.82 -29.15
C ILE A 2 19.29 9.10 -29.84
N ASP A 3 18.34 10.01 -30.07
CA ASP A 3 18.62 11.29 -30.69
C ASP A 3 18.97 12.34 -29.64
N GLN A 4 20.26 12.54 -29.41
CA GLN A 4 20.72 13.43 -28.35
C GLN A 4 20.89 14.87 -28.85
N SER A 5 20.52 15.83 -27.99
CA SER A 5 20.69 17.25 -28.30
C SER A 5 21.00 18.04 -27.03
N VAL A 6 21.50 19.25 -27.19
CA VAL A 6 21.85 20.08 -26.04
C VAL A 6 21.48 21.55 -26.27
N VAL A 7 20.67 22.09 -25.38
CA VAL A 7 20.23 23.49 -25.48
C VAL A 7 21.01 24.36 -24.50
N ILE A 8 21.82 25.26 -25.03
CA ILE A 8 22.65 26.13 -24.20
C ILE A 8 22.01 27.49 -24.00
N SER A 9 21.83 27.88 -22.74
CA SER A 9 21.31 29.21 -22.41
C SER A 9 22.39 30.04 -21.75
N GLU A 10 22.20 31.35 -21.70
CA GLU A 10 23.18 32.24 -21.08
C GLU A 10 23.25 31.99 -19.58
N LYS A 11 22.10 31.93 -18.94
CA LYS A 11 22.02 31.74 -17.49
C LYS A 11 21.43 30.38 -17.15
N PHE A 12 21.83 29.84 -16.01
CA PHE A 12 21.29 28.58 -15.52
C PHE A 12 19.76 28.64 -15.51
N ALA A 13 19.24 29.71 -14.92
CA ALA A 13 17.80 29.88 -14.79
C ALA A 13 17.08 29.67 -16.12
N ASN A 14 17.69 30.14 -17.20
CA ASN A 14 17.05 30.06 -18.51
C ASN A 14 16.79 28.64 -18.97
N SER A 15 17.54 27.68 -18.42
CA SER A 15 17.32 26.28 -18.76
C SER A 15 15.92 25.84 -18.34
N ILE A 16 15.38 26.49 -17.32
CA ILE A 16 14.03 26.19 -16.86
C ILE A 16 13.01 26.55 -17.94
N PHE A 17 13.10 27.78 -18.43
CA PHE A 17 12.19 28.24 -19.47
C PHE A 17 12.32 27.38 -20.72
N ALA A 18 13.57 27.16 -21.14
CA ALA A 18 13.85 26.34 -22.31
C ALA A 18 13.13 25.00 -22.23
N ALA A 19 13.14 24.40 -21.04
CA ALA A 19 12.52 23.11 -20.84
C ALA A 19 11.00 23.22 -20.90
N VAL A 20 10.45 24.25 -20.25
CA VAL A 20 9.00 24.43 -20.25
C VAL A 20 8.49 24.64 -21.67
N GLU A 21 9.17 25.48 -22.43
CA GLU A 21 8.82 25.70 -23.82
C GLU A 21 8.88 24.40 -24.60
N HIS A 22 9.98 23.67 -24.45
CA HIS A 22 10.16 22.40 -25.13
C HIS A 22 8.97 21.49 -24.87
N ILE A 23 8.57 21.39 -23.60
CA ILE A 23 7.50 20.50 -23.20
C ILE A 23 6.17 20.94 -23.79
N LYS A 24 5.95 22.25 -23.89
CA LYS A 24 4.73 22.78 -24.47
C LYS A 24 4.63 22.37 -25.94
N LYS A 25 5.73 22.55 -26.67
CA LYS A 25 5.78 22.17 -28.07
C LYS A 25 5.41 20.70 -28.24
N GLN A 26 6.10 19.84 -27.52
CA GLN A 26 5.88 18.40 -27.62
C GLN A 26 4.44 18.02 -27.31
N ILE A 27 3.84 18.71 -26.34
CA ILE A 27 2.44 18.45 -25.99
C ILE A 27 1.53 18.86 -27.14
N LYS A 28 1.80 20.03 -27.72
CA LYS A 28 1.00 20.52 -28.84
C LYS A 28 1.04 19.54 -30.00
N GLU A 29 2.25 19.15 -30.40
CA GLU A 29 2.45 18.26 -31.53
C GLU A 29 1.85 16.88 -31.30
N ARG A 30 1.98 16.37 -30.07
CA ARG A 30 1.54 15.02 -29.74
C ARG A 30 0.12 14.97 -29.21
N ASP A 31 -0.54 16.12 -29.14
CA ASP A 31 -1.91 16.19 -28.61
C ASP A 31 -1.96 15.59 -27.22
N SER A 32 -0.96 15.90 -26.41
CA SER A 32 -0.89 15.49 -25.02
C SER A 32 -0.54 14.02 -24.83
N ASN A 33 -0.13 13.35 -25.90
CA ASN A 33 0.40 11.99 -25.79
C ASN A 33 1.89 12.04 -25.55
N TYR A 34 2.28 12.64 -24.44
CA TYR A 34 3.69 12.86 -24.12
C TYR A 34 4.05 12.16 -22.82
N LYS A 35 5.17 11.46 -22.82
CA LYS A 35 5.63 10.72 -21.66
C LYS A 35 7.13 10.92 -21.62
N ALA A 36 7.61 11.60 -20.59
CA ALA A 36 9.02 11.95 -20.50
C ALA A 36 9.53 11.91 -19.07
N ILE A 37 10.83 11.68 -18.93
CA ILE A 37 11.49 11.77 -17.63
C ILE A 37 12.38 13.00 -17.65
N ILE A 38 12.28 13.82 -16.61
CA ILE A 38 13.08 15.05 -16.52
C ILE A 38 13.91 15.04 -15.25
N PHE A 39 15.22 14.92 -15.42
CA PHE A 39 16.14 14.76 -14.30
C PHE A 39 16.56 16.10 -13.71
N ALA A 40 16.82 16.11 -12.41
CA ALA A 40 17.21 17.33 -11.71
C ALA A 40 18.29 17.03 -10.67
N PRO A 41 19.11 18.05 -10.32
CA PRO A 41 20.27 17.86 -9.46
C PRO A 41 19.94 17.72 -7.97
N THR A 42 18.94 18.45 -7.48
CA THR A 42 18.62 18.43 -6.06
C THR A 42 17.15 18.16 -5.81
N VAL A 43 16.81 17.76 -4.59
CA VAL A 43 15.45 17.43 -4.23
C VAL A 43 14.55 18.67 -4.27
N LYS A 44 14.97 19.72 -3.57
CA LYS A 44 14.17 20.94 -3.52
C LYS A 44 13.91 21.50 -4.92
N PHE A 45 14.92 21.47 -5.77
CA PHE A 45 14.77 21.95 -7.14
C PHE A 45 13.80 21.07 -7.91
N THR A 46 13.82 19.78 -7.62
CA THR A 46 12.92 18.83 -8.27
C THR A 46 11.47 19.19 -7.94
N SER A 47 11.21 19.47 -6.67
CA SER A 47 9.87 19.85 -6.22
C SER A 47 9.47 21.17 -6.85
N PHE A 48 10.41 22.11 -6.90
CA PHE A 48 10.16 23.41 -7.51
C PHE A 48 9.75 23.26 -8.97
N LEU A 49 10.37 22.32 -9.67
CA LEU A 49 10.06 22.07 -11.08
C LEU A 49 8.67 21.47 -11.24
N CYS A 50 8.27 20.62 -10.30
CA CYS A 50 6.95 20.02 -10.35
C CYS A 50 5.86 21.09 -10.22
N SER A 51 6.08 22.04 -9.32
CA SER A 51 5.14 23.15 -9.16
C SER A 51 4.93 23.85 -10.48
N ILE A 52 6.02 24.30 -11.10
CA ILE A 52 5.94 24.99 -12.38
C ILE A 52 5.26 24.15 -13.44
N LEU A 53 5.72 22.92 -13.62
CA LEU A 53 5.18 22.03 -14.64
C LEU A 53 3.71 21.70 -14.39
N LYS A 54 3.32 21.68 -13.11
CA LYS A 54 1.92 21.45 -12.77
C LYS A 54 1.09 22.66 -13.18
N ASN A 55 1.50 23.83 -12.73
CA ASN A 55 0.80 25.07 -13.09
C ASN A 55 0.70 25.22 -14.60
N GLU A 56 1.65 24.62 -15.32
CA GLU A 56 1.70 24.73 -16.77
C GLU A 56 0.94 23.62 -17.48
N PHE A 57 0.99 22.41 -16.95
CA PHE A 57 0.46 21.25 -17.68
C PHE A 57 -0.32 20.27 -16.82
N LYS A 58 -0.80 20.70 -15.65
CA LYS A 58 -1.59 19.82 -14.81
C LYS A 58 -2.81 19.30 -15.57
N LYS A 59 -3.39 20.18 -16.39
CA LYS A 59 -4.58 19.85 -17.16
C LYS A 59 -4.29 18.80 -18.25
N ASP A 60 -3.11 18.90 -18.86
CA ASP A 60 -2.77 18.04 -19.99
C ASP A 60 -2.15 16.72 -19.56
N LEU A 61 -1.27 16.77 -18.56
CA LEU A 61 -0.49 15.59 -18.17
C LEU A 61 -0.50 15.38 -16.66
N PRO A 62 -0.21 14.14 -16.24
CA PRO A 62 0.11 13.88 -14.83
C PRO A 62 1.59 14.18 -14.55
N ILE A 63 1.84 15.07 -13.59
CA ILE A 63 3.21 15.40 -13.21
C ILE A 63 3.58 14.66 -11.94
N LEU A 64 4.62 13.84 -12.01
CA LEU A 64 5.00 12.98 -10.91
C LEU A 64 6.35 13.40 -10.29
N GLU A 65 6.37 13.52 -8.97
CA GLU A 65 7.59 13.86 -8.24
C GLU A 65 8.19 12.60 -7.64
N PHE A 66 9.51 12.45 -7.75
CA PHE A 66 10.15 11.19 -7.39
C PHE A 66 11.62 11.38 -7.04
N HIS A 67 11.95 11.20 -5.76
CA HIS A 67 13.32 11.36 -5.30
C HIS A 67 13.55 10.61 -3.98
N GLY A 68 14.80 10.61 -3.52
CA GLY A 68 15.22 9.80 -2.39
C GLY A 68 14.43 10.04 -1.12
N LYS A 69 13.94 11.26 -0.94
CA LYS A 69 13.17 11.63 0.24
C LYS A 69 11.66 11.47 0.03
N ILE A 70 11.27 10.57 -0.86
CA ILE A 70 9.89 10.12 -0.98
C ILE A 70 9.79 8.74 -0.34
N THR A 71 8.85 8.57 0.58
CA THR A 71 8.75 7.34 1.35
C THR A 71 8.58 6.11 0.45
N GLN A 72 9.07 4.97 0.93
CA GLN A 72 9.17 3.78 0.09
C GLN A 72 7.82 3.30 -0.44
N ASN A 73 6.77 3.45 0.35
CA ASN A 73 5.44 3.09 -0.09
C ASN A 73 4.99 3.95 -1.26
N LYS A 74 5.11 5.26 -1.11
CA LYS A 74 4.73 6.20 -2.15
C LYS A 74 5.61 6.03 -3.38
N ARG A 75 6.82 5.52 -3.18
CA ARG A 75 7.75 5.28 -4.28
C ARG A 75 7.34 4.05 -5.09
N THR A 76 6.91 3.00 -4.39
CA THR A 76 6.51 1.78 -5.05
C THR A 76 5.27 2.03 -5.90
N SER A 77 4.35 2.85 -5.38
CA SER A 77 3.08 3.09 -6.05
C SER A 77 3.19 3.92 -7.33
N LEU A 78 4.00 4.97 -7.30
CA LEU A 78 4.06 5.89 -8.44
C LEU A 78 4.98 5.35 -9.52
N VAL A 79 5.82 4.39 -9.17
CA VAL A 79 6.58 3.64 -10.16
C VAL A 79 5.60 2.76 -10.92
N LYS A 80 4.75 2.06 -10.18
CA LYS A 80 3.70 1.25 -10.78
C LYS A 80 2.81 2.13 -11.65
N ARG A 81 2.44 3.29 -11.13
CA ARG A 81 1.56 4.20 -11.86
C ARG A 81 2.21 4.71 -13.15
N PHE A 82 3.47 5.11 -13.07
CA PHE A 82 4.15 5.67 -14.24
C PHE A 82 4.40 4.59 -15.29
N LYS A 83 4.65 3.37 -14.84
CA LYS A 83 4.80 2.24 -15.75
C LYS A 83 3.54 2.09 -16.59
N LYS A 84 2.39 2.31 -15.96
CA LYS A 84 1.09 2.14 -16.58
C LYS A 84 0.72 3.31 -17.48
N ASP A 85 0.98 4.53 -17.01
CA ASP A 85 0.65 5.74 -17.76
C ASP A 85 1.29 5.72 -19.14
N GLU A 86 0.51 6.12 -20.15
CA GLU A 86 1.06 6.31 -21.48
C GLU A 86 1.27 7.80 -21.74
N SER A 87 0.96 8.62 -20.75
CA SER A 87 1.19 10.06 -20.83
C SER A 87 1.50 10.61 -19.43
N GLY A 88 2.57 11.38 -19.33
CA GLY A 88 2.96 11.97 -18.06
C GLY A 88 4.43 12.29 -17.97
N ILE A 89 4.79 13.22 -17.08
CA ILE A 89 6.18 13.62 -16.92
C ILE A 89 6.68 13.30 -15.51
N LEU A 90 7.70 12.45 -15.45
CA LEU A 90 8.32 12.10 -14.18
C LEU A 90 9.50 13.01 -13.91
N VAL A 91 9.38 13.86 -12.90
CA VAL A 91 10.47 14.73 -12.49
C VAL A 91 11.21 14.08 -11.32
N CYS A 92 12.50 13.81 -11.50
CA CYS A 92 13.24 13.07 -10.49
C CYS A 92 14.71 13.44 -10.41
N THR A 93 15.37 12.93 -9.38
CA THR A 93 16.82 13.03 -9.25
C THR A 93 17.44 11.76 -9.78
N ASP A 94 18.76 11.63 -9.67
CA ASP A 94 19.44 10.41 -10.07
C ASP A 94 19.13 9.30 -9.07
N VAL A 95 17.88 8.86 -9.06
CA VAL A 95 17.38 7.92 -8.07
C VAL A 95 17.63 6.48 -8.51
N GLY A 96 17.36 5.54 -7.61
CA GLY A 96 17.29 4.14 -7.96
C GLY A 96 18.65 3.49 -8.17
N ALA A 97 18.79 2.64 -9.19
CA ALA A 97 17.71 2.32 -10.13
C ALA A 97 17.17 0.91 -9.87
N ARG A 98 16.37 0.78 -8.82
CA ARG A 98 15.77 -0.51 -8.49
C ARG A 98 14.47 -0.73 -9.26
N GLY A 99 14.61 -1.20 -10.50
CA GLY A 99 13.45 -1.49 -11.33
C GLY A 99 12.85 -0.26 -11.98
N MET A 100 13.70 0.62 -12.48
CA MET A 100 13.25 1.87 -13.09
C MET A 100 13.08 1.74 -14.60
N ASP A 101 12.69 0.56 -15.07
CA ASP A 101 12.45 0.34 -16.49
C ASP A 101 11.05 0.78 -16.89
N PHE A 102 10.94 2.00 -17.42
CA PHE A 102 9.65 2.54 -17.83
C PHE A 102 9.48 2.40 -19.34
N PRO A 103 8.39 1.77 -19.78
CA PRO A 103 8.17 1.58 -21.23
C PRO A 103 7.61 2.82 -21.94
N ASN A 104 7.82 2.89 -23.25
CA ASN A 104 7.21 3.93 -24.07
C ASN A 104 7.49 5.36 -23.60
N VAL A 105 8.70 5.59 -23.09
CA VAL A 105 9.13 6.94 -22.74
C VAL A 105 9.69 7.62 -24.00
N HIS A 106 9.10 8.76 -24.36
CA HIS A 106 9.47 9.45 -25.59
C HIS A 106 10.76 10.26 -25.46
N GLU A 107 10.92 10.98 -24.35
CA GLU A 107 12.10 11.81 -24.16
C GLU A 107 12.63 11.80 -22.73
N VAL A 108 13.95 11.90 -22.61
CA VAL A 108 14.58 12.16 -21.33
C VAL A 108 15.17 13.55 -21.34
N LEU A 109 14.62 14.44 -20.52
CA LEU A 109 15.13 15.79 -20.41
C LEU A 109 16.06 15.89 -19.22
N GLN A 110 17.07 16.74 -19.32
CA GLN A 110 18.00 16.95 -18.21
C GLN A 110 18.25 18.43 -17.97
N ILE A 111 17.69 18.95 -16.90
CA ILE A 111 17.93 20.33 -16.53
C ILE A 111 19.19 20.40 -15.67
N GLY A 112 20.26 20.94 -16.24
CA GLY A 112 21.54 21.01 -15.57
C GLY A 112 22.28 19.69 -15.65
N VAL A 113 23.60 19.75 -15.59
CA VAL A 113 24.42 18.54 -15.67
C VAL A 113 24.11 17.57 -14.55
N PRO A 114 24.40 16.27 -14.77
CA PRO A 114 24.25 15.24 -13.74
C PRO A 114 25.39 15.29 -12.73
N SER A 115 25.18 14.74 -11.54
CA SER A 115 26.19 14.77 -10.49
C SER A 115 27.45 14.03 -10.91
N GLU A 116 27.29 12.93 -11.64
CA GLU A 116 28.42 12.13 -12.07
C GLU A 116 28.40 11.91 -13.59
N LEU A 117 29.57 11.98 -14.20
CA LEU A 117 29.70 11.86 -15.64
C LEU A 117 29.03 10.58 -16.14
N ALA A 118 29.08 9.53 -15.33
CA ALA A 118 28.53 8.24 -15.72
C ALA A 118 27.01 8.30 -15.87
N ASN A 119 26.35 9.04 -14.98
CA ASN A 119 24.89 9.07 -14.95
C ASN A 119 24.25 9.55 -16.25
N TYR A 120 24.98 10.36 -17.02
CA TYR A 120 24.45 10.83 -18.30
C TYR A 120 24.01 9.64 -19.13
N ILE A 121 24.87 8.62 -19.18
CA ILE A 121 24.55 7.40 -19.90
C ILE A 121 23.32 6.74 -19.30
N HIS A 122 23.34 6.58 -17.98
CA HIS A 122 22.26 5.91 -17.27
C HIS A 122 20.91 6.56 -17.55
N ARG A 123 20.90 7.89 -17.58
CA ARG A 123 19.67 8.63 -17.77
C ARG A 123 19.05 8.35 -19.14
N ILE A 124 19.82 8.56 -20.20
CA ILE A 124 19.33 8.40 -21.56
C ILE A 124 19.00 6.93 -21.88
N GLY A 125 19.47 6.02 -21.05
CA GLY A 125 19.13 4.62 -21.21
C GLY A 125 17.65 4.38 -21.04
N ARG A 126 17.00 5.26 -20.29
CA ARG A 126 15.58 5.12 -19.97
C ARG A 126 14.68 5.38 -21.18
N THR A 127 15.25 5.77 -22.30
CA THR A 127 14.48 5.97 -23.52
C THR A 127 15.06 5.16 -24.67
N ALA A 128 14.32 5.09 -25.77
CA ALA A 128 14.71 4.28 -26.92
C ALA A 128 14.94 2.84 -26.49
N ARG A 129 13.99 2.30 -25.73
CA ARG A 129 14.11 0.96 -25.17
C ARG A 129 13.39 -0.07 -26.04
N SER A 130 13.95 -1.28 -26.07
CA SER A 130 13.37 -2.40 -26.83
C SER A 130 12.89 -2.01 -28.22
N GLY A 131 13.76 -1.39 -29.00
CA GLY A 131 13.48 -1.13 -30.41
C GLY A 131 12.93 0.26 -30.71
N LYS A 132 12.11 0.78 -29.81
CA LYS A 132 11.45 2.07 -30.03
C LYS A 132 12.47 3.20 -30.14
N GLU A 133 12.05 4.29 -30.78
CA GLU A 133 12.89 5.47 -30.91
C GLU A 133 12.75 6.35 -29.67
N GLY A 134 13.72 7.24 -29.47
CA GLY A 134 13.72 8.11 -28.31
C GLY A 134 14.70 9.25 -28.48
N SER A 135 14.56 10.29 -27.64
CA SER A 135 15.40 11.46 -27.74
C SER A 135 15.87 11.95 -26.37
N SER A 136 17.01 12.64 -26.36
CA SER A 136 17.52 13.23 -25.13
C SER A 136 17.84 14.71 -25.33
N VAL A 137 17.42 15.54 -24.39
CA VAL A 137 17.70 16.97 -24.44
C VAL A 137 18.39 17.42 -23.16
N LEU A 138 19.62 17.88 -23.30
CA LEU A 138 20.36 18.38 -22.16
C LEU A 138 20.30 19.91 -22.11
N PHE A 139 19.61 20.43 -21.10
CA PHE A 139 19.51 21.88 -20.92
C PHE A 139 20.58 22.36 -19.96
N ILE A 140 21.59 23.05 -20.48
CA ILE A 140 22.64 23.61 -19.64
C ILE A 140 22.84 25.10 -19.93
N CYS A 141 23.73 25.73 -19.17
CA CYS A 141 24.04 27.14 -19.39
C CYS A 141 25.50 27.27 -19.81
N LYS A 142 25.84 28.43 -20.37
CA LYS A 142 27.20 28.70 -20.84
C LYS A 142 28.26 28.08 -19.96
N ASP A 143 28.20 28.35 -18.66
CA ASP A 143 29.27 27.96 -17.74
C ASP A 143 29.35 26.46 -17.48
N GLU A 144 28.33 25.72 -17.88
CA GLU A 144 28.33 24.28 -17.71
C GLU A 144 29.00 23.55 -18.87
N LEU A 145 29.31 24.29 -19.94
CA LEU A 145 29.75 23.67 -21.19
C LEU A 145 30.93 22.71 -21.03
N PRO A 146 31.91 23.04 -20.17
CA PRO A 146 33.04 22.12 -20.00
C PRO A 146 32.60 20.68 -19.79
N PHE A 147 31.36 20.48 -19.35
CA PHE A 147 30.82 19.15 -19.16
C PHE A 147 30.72 18.38 -20.48
N VAL A 148 30.35 19.08 -21.55
CA VAL A 148 30.18 18.43 -22.85
C VAL A 148 31.51 17.97 -23.41
N ARG A 149 32.54 18.82 -23.26
CA ARG A 149 33.88 18.49 -23.71
C ARG A 149 34.39 17.28 -22.92
N GLU A 150 34.09 17.26 -21.63
CA GLU A 150 34.50 16.15 -20.77
C GLU A 150 33.83 14.86 -21.24
N LEU A 151 32.59 14.95 -21.72
CA LEU A 151 31.88 13.77 -22.19
C LEU A 151 32.60 13.12 -23.36
N GLU A 152 33.17 13.94 -24.24
CA GLU A 152 33.91 13.43 -25.39
C GLU A 152 35.23 12.80 -24.95
N ASP A 153 36.06 13.59 -24.28
CA ASP A 153 37.39 13.12 -23.88
C ASP A 153 37.31 11.85 -23.04
N ALA A 154 36.38 11.82 -22.10
CA ALA A 154 36.27 10.68 -21.17
C ALA A 154 35.38 9.57 -21.71
N LYS A 155 34.09 9.87 -21.85
CA LYS A 155 33.11 8.86 -22.24
C LYS A 155 33.01 8.66 -23.75
N ASN A 156 33.67 9.54 -24.50
CA ASN A 156 33.70 9.43 -25.96
C ASN A 156 32.31 9.50 -26.56
N ILE A 157 31.52 10.46 -26.10
CA ILE A 157 30.17 10.70 -26.64
C ILE A 157 30.07 12.12 -27.19
N VAL A 158 29.51 12.25 -28.38
CA VAL A 158 29.28 13.57 -28.97
C VAL A 158 27.78 13.82 -29.15
N ILE A 159 27.33 15.01 -28.76
CA ILE A 159 25.93 15.38 -28.93
C ILE A 159 25.79 16.17 -30.23
N ALA A 160 25.11 15.56 -31.20
CA ALA A 160 25.01 16.13 -32.55
C ALA A 160 24.34 17.51 -32.54
N LYS A 161 23.08 17.54 -32.10
CA LYS A 161 22.28 18.76 -32.18
C LYS A 161 22.57 19.72 -31.03
N GLN A 162 23.08 20.90 -31.37
CA GLN A 162 23.21 21.98 -30.40
C GLN A 162 22.16 23.05 -30.71
N GLU A 163 21.92 23.92 -29.75
CA GLU A 163 21.04 25.06 -29.95
C GLU A 163 21.24 26.11 -28.86
N LYS A 164 21.46 27.35 -29.27
CA LYS A 164 21.54 28.45 -28.32
C LYS A 164 20.14 28.97 -28.08
N TYR A 165 19.83 29.28 -26.82
CA TYR A 165 18.48 29.67 -26.43
C TYR A 165 18.45 30.90 -25.56
N GLU A 166 17.69 31.90 -26.00
CA GLU A 166 17.42 33.09 -25.19
C GLU A 166 15.91 33.24 -25.08
N PRO A 167 15.39 33.24 -23.84
CA PRO A 167 13.95 33.17 -23.64
C PRO A 167 13.23 34.47 -23.98
N SER A 168 12.02 34.35 -24.51
CA SER A 168 11.18 35.51 -24.78
C SER A 168 10.73 36.11 -23.45
N GLU A 169 10.47 37.42 -23.44
CA GLU A 169 9.95 38.07 -22.25
C GLU A 169 8.59 37.47 -21.91
N GLU A 170 7.90 36.94 -22.92
CA GLU A 170 6.60 36.32 -22.73
C GLU A 170 6.68 35.08 -21.84
N ILE A 171 7.58 34.17 -22.18
CA ILE A 171 7.70 32.92 -21.45
C ILE A 171 8.15 33.17 -20.02
N LYS A 172 9.12 34.06 -19.85
CA LYS A 172 9.62 34.39 -18.52
C LYS A 172 8.48 34.81 -17.61
N SER A 173 7.58 35.64 -18.14
CA SER A 173 6.46 36.14 -17.37
C SER A 173 5.41 35.05 -17.11
N GLU A 174 5.19 34.19 -18.10
CA GLU A 174 4.22 33.12 -17.96
C GLU A 174 4.62 32.18 -16.83
N VAL A 175 5.90 31.84 -16.78
CA VAL A 175 6.41 30.91 -15.78
C VAL A 175 6.46 31.55 -14.40
N LEU A 176 7.19 32.66 -14.29
CA LEU A 176 7.41 33.31 -13.01
C LEU A 176 6.11 33.67 -12.30
N GLU A 177 5.08 34.04 -13.05
CA GLU A 177 3.80 34.39 -12.47
C GLU A 177 3.11 33.18 -11.85
N ALA A 178 3.32 32.02 -12.44
CA ALA A 178 2.72 30.78 -11.94
C ALA A 178 3.46 30.28 -10.70
N VAL A 179 4.63 30.84 -10.43
CA VAL A 179 5.43 30.44 -9.28
C VAL A 179 4.84 31.01 -7.99
N THR A 180 4.36 30.12 -7.13
CA THR A 180 3.74 30.53 -5.88
C THR A 180 4.73 30.59 -4.72
N GLU A 181 5.90 29.99 -4.91
CA GLU A 181 6.91 29.94 -3.85
C GLU A 181 7.26 31.34 -3.35
N GLU A 182 7.61 31.42 -2.07
CA GLU A 182 8.05 32.67 -1.47
C GLU A 182 9.57 32.78 -1.49
N PRO A 183 10.10 34.00 -1.33
CA PRO A 183 11.54 34.24 -1.43
C PRO A 183 12.39 33.33 -0.55
N GLU A 184 11.90 33.02 0.65
CA GLU A 184 12.65 32.16 1.57
C GLU A 184 12.78 30.76 0.97
N ASP A 185 11.78 30.35 0.20
CA ASP A 185 11.80 29.05 -0.45
C ASP A 185 12.73 29.07 -1.66
N ILE A 186 12.69 30.16 -2.42
CA ILE A 186 13.56 30.31 -3.58
C ILE A 186 15.02 30.35 -3.14
N SER A 187 15.26 30.83 -1.92
CA SER A 187 16.61 30.85 -1.37
C SER A 187 17.05 29.42 -1.05
N ASP A 188 16.19 28.68 -0.36
CA ASP A 188 16.48 27.29 -0.04
C ASP A 188 16.79 26.50 -1.30
N ILE A 189 16.00 26.74 -2.34
CA ILE A 189 16.16 26.02 -3.61
C ILE A 189 17.51 26.31 -4.24
N VAL A 190 17.83 27.59 -4.42
CA VAL A 190 19.07 27.98 -5.08
C VAL A 190 20.29 27.50 -4.30
N ILE A 191 20.21 27.56 -2.98
CA ILE A 191 21.31 27.13 -2.13
C ILE A 191 21.62 25.64 -2.33
N SER A 192 20.57 24.84 -2.51
CA SER A 192 20.76 23.41 -2.78
C SER A 192 21.49 23.23 -4.10
N LEU A 193 21.23 24.13 -5.05
CA LEU A 193 21.89 24.07 -6.33
C LEU A 193 23.33 24.55 -6.21
N ILE A 194 23.54 25.57 -5.39
CA ILE A 194 24.88 26.08 -5.15
C ILE A 194 25.78 24.98 -4.61
N SER A 195 25.26 24.19 -3.70
CA SER A 195 26.02 23.13 -3.07
C SER A 195 26.21 21.94 -4.01
N SER A 196 25.17 21.62 -4.78
CA SER A 196 25.26 20.54 -5.75
C SER A 196 26.35 20.84 -6.77
N TYR A 197 26.31 22.03 -7.34
CA TYR A 197 27.28 22.41 -8.35
C TYR A 197 28.68 22.53 -7.78
N ARG A 198 28.78 22.98 -6.53
CA ARG A 198 30.08 23.12 -5.88
C ARG A 198 30.77 21.76 -5.73
N SER A 199 29.98 20.69 -5.70
CA SER A 199 30.51 19.35 -5.47
C SER A 199 31.05 18.71 -6.75
N CYS A 200 30.70 19.28 -7.90
CA CYS A 200 31.10 18.71 -9.17
C CYS A 200 31.85 19.73 -10.04
N ILE A 201 32.68 20.54 -9.40
CA ILE A 201 33.50 21.50 -10.13
C ILE A 201 34.75 20.83 -10.67
N LYS A 202 35.56 20.27 -9.77
CA LYS A 202 36.81 19.63 -10.15
C LYS A 202 36.58 18.57 -11.22
N GLU A 203 35.49 17.80 -11.07
CA GLU A 203 35.21 16.71 -11.98
C GLU A 203 34.91 17.18 -13.40
N TYR A 204 34.26 18.34 -13.51
CA TYR A 204 33.85 18.86 -14.81
C TYR A 204 34.72 20.03 -15.27
N ARG A 205 35.73 20.37 -14.48
CA ARG A 205 36.63 21.47 -14.82
C ARG A 205 35.87 22.77 -15.01
N PHE A 206 34.94 23.05 -14.12
CA PHE A 206 34.20 24.30 -14.12
C PHE A 206 35.06 25.41 -13.56
N SER A 207 34.66 26.66 -13.81
CA SER A 207 35.33 27.80 -13.22
C SER A 207 34.52 28.31 -12.03
N GLU A 208 34.99 27.98 -10.82
CA GLU A 208 34.29 28.37 -9.60
C GLU A 208 33.89 29.84 -9.65
N ARG A 209 34.83 30.68 -10.08
CA ARG A 209 34.61 32.13 -10.11
C ARG A 209 33.39 32.50 -10.95
N ARG A 210 33.05 31.66 -11.92
CA ARG A 210 31.95 31.95 -12.83
C ARG A 210 30.67 31.18 -12.51
N ILE A 211 30.80 29.87 -12.28
CA ILE A 211 29.64 29.01 -12.16
C ILE A 211 28.80 29.28 -10.91
N LEU A 212 29.45 29.49 -9.77
CA LEU A 212 28.72 29.67 -8.52
C LEU A 212 27.93 30.99 -8.50
N PRO A 213 28.57 32.11 -8.89
CA PRO A 213 27.79 33.34 -9.01
C PRO A 213 26.59 33.20 -9.94
N GLU A 214 26.74 32.44 -11.03
CA GLU A 214 25.65 32.25 -11.97
C GLU A 214 24.50 31.47 -11.35
N ILE A 215 24.83 30.37 -10.68
CA ILE A 215 23.81 29.55 -10.03
C ILE A 215 23.08 30.40 -8.99
N ALA A 216 23.84 31.17 -8.22
CA ALA A 216 23.26 32.01 -7.18
C ALA A 216 22.37 33.09 -7.77
N SER A 217 22.71 33.59 -8.95
CA SER A 217 21.95 34.65 -9.60
C SER A 217 20.54 34.19 -9.93
N THR A 218 20.33 32.88 -9.92
CA THR A 218 19.02 32.30 -10.20
C THR A 218 18.01 32.88 -9.22
N TYR A 219 18.49 33.24 -8.03
CA TYR A 219 17.64 33.82 -6.99
C TYR A 219 16.96 35.09 -7.48
N GLY A 220 17.76 36.04 -7.95
CA GLY A 220 17.22 37.28 -8.48
C GLY A 220 16.31 37.04 -9.67
N VAL A 221 16.82 36.30 -10.66
CA VAL A 221 16.07 35.99 -11.87
C VAL A 221 14.66 35.52 -11.55
N LEU A 222 14.53 34.61 -10.58
CA LEU A 222 13.24 34.03 -10.24
C LEU A 222 12.35 35.01 -9.48
N LEU A 223 12.97 35.88 -8.68
CA LEU A 223 12.23 36.92 -7.97
C LEU A 223 12.08 38.18 -8.82
N ASN A 224 12.46 38.07 -10.09
CA ASN A 224 12.31 39.16 -11.04
C ASN A 224 13.08 40.42 -10.64
N ASP A 225 14.29 40.22 -10.13
CA ASP A 225 15.18 41.32 -9.80
C ASP A 225 16.62 40.83 -9.95
N PRO A 226 17.10 40.76 -11.19
CA PRO A 226 18.38 40.16 -11.58
C PRO A 226 19.57 40.52 -10.69
N GLN A 227 19.57 41.71 -10.10
CA GLN A 227 20.72 42.15 -9.32
C GLN A 227 20.53 41.96 -7.81
N LEU A 228 19.38 41.41 -7.43
CA LEU A 228 19.12 41.08 -6.03
C LEU A 228 19.87 39.82 -5.63
N LYS A 229 20.76 39.93 -4.64
CA LYS A 229 21.56 38.79 -4.19
C LYS A 229 20.87 38.05 -3.05
N ILE A 230 21.41 36.88 -2.71
CA ILE A 230 20.81 36.04 -1.67
C ILE A 230 21.18 36.52 -0.27
N PRO A 231 20.17 36.77 0.57
CA PRO A 231 20.39 37.22 1.95
C PRO A 231 20.80 36.08 2.89
N VAL A 232 21.97 36.20 3.50
CA VAL A 232 22.44 35.21 4.48
C VAL A 232 23.20 35.88 5.62
N SER A 233 23.29 35.18 6.74
CA SER A 233 24.02 35.67 7.90
C SER A 233 25.52 35.43 7.74
N ARG A 234 26.31 36.29 8.36
CA ARG A 234 27.77 36.14 8.33
C ARG A 234 28.14 34.77 8.90
N ARG A 235 27.31 34.27 9.80
CA ARG A 235 27.53 32.96 10.40
C ARG A 235 27.29 31.86 9.36
N PHE A 236 26.20 31.98 8.62
CA PHE A 236 25.86 30.99 7.61
C PHE A 236 26.89 30.96 6.50
N LEU A 237 27.45 32.13 6.18
CA LEU A 237 28.46 32.23 5.13
C LEU A 237 29.74 31.52 5.57
N ASP A 238 30.04 31.59 6.86
CA ASP A 238 31.17 30.87 7.42
C ASP A 238 30.93 29.36 7.34
N LYS A 239 29.69 28.95 7.56
CA LYS A 239 29.32 27.54 7.52
C LYS A 239 29.60 26.94 6.15
N LEU A 240 29.48 27.75 5.10
CA LEU A 240 29.75 27.30 3.74
C LEU A 240 31.22 27.48 3.37
N GLY A 241 31.91 28.34 4.10
CA GLY A 241 33.33 28.56 3.85
C GLY A 241 33.57 29.48 2.68
N LEU A 242 32.68 30.46 2.52
CA LEU A 242 32.81 31.47 1.48
C LEU A 242 32.78 32.85 2.12
N SER A 243 33.32 32.94 3.33
CA SER A 243 33.22 34.15 4.14
C SER A 243 34.13 35.27 3.66
N ARG A 244 35.42 34.99 3.54
CA ARG A 244 36.39 35.99 3.11
C ARG A 244 36.66 35.91 1.62
N SER A 245 35.69 35.39 0.87
CA SER A 245 35.84 35.18 -0.56
C SER A 245 35.06 36.21 -1.37
N PRO A 246 35.65 36.71 -2.46
CA PRO A 246 34.95 37.64 -3.34
C PRO A 246 33.76 37.00 -4.01
N ILE A 247 33.85 35.70 -4.28
CA ILE A 247 32.74 34.94 -4.83
C ILE A 247 31.53 35.05 -3.91
N GLY A 248 31.77 34.95 -2.61
CA GLY A 248 30.71 35.08 -1.63
C GLY A 248 30.06 36.45 -1.69
N LYS A 249 30.88 37.47 -1.89
CA LYS A 249 30.38 38.85 -2.02
C LYS A 249 29.52 38.97 -3.26
N ALA A 250 29.87 38.20 -4.29
CA ALA A 250 29.13 38.25 -5.56
C ALA A 250 27.82 37.48 -5.48
N MET A 251 27.78 36.47 -4.62
CA MET A 251 26.62 35.59 -4.54
C MET A 251 25.62 36.03 -3.48
N PHE A 252 26.10 36.65 -2.41
CA PHE A 252 25.27 36.88 -1.23
C PHE A 252 25.21 38.34 -0.78
N GLU A 253 24.20 38.64 0.02
CA GLU A 253 24.11 39.91 0.73
C GLU A 253 24.17 39.64 2.23
N ILE A 254 25.21 40.14 2.87
CA ILE A 254 25.47 39.83 4.28
C ILE A 254 24.50 40.53 5.22
N ARG A 255 24.08 39.83 6.26
CA ARG A 255 23.21 40.40 7.28
C ARG A 255 23.61 39.89 8.66
N ASP A 256 24.82 40.26 9.09
CA ASP A 256 25.33 39.82 10.39
C ASP A 256 24.89 40.77 11.50
N SER B 1 -15.67 -26.60 25.32
CA SER B 1 -14.57 -25.70 25.64
C SER B 1 -14.95 -24.25 25.37
N ILE B 2 -16.07 -24.04 24.69
CA ILE B 2 -16.62 -22.70 24.50
C ILE B 2 -17.68 -22.41 25.56
N ASP B 3 -17.39 -21.43 26.41
CA ASP B 3 -18.32 -21.05 27.46
C ASP B 3 -19.34 -20.03 26.96
N GLN B 4 -20.49 -20.53 26.51
CA GLN B 4 -21.51 -19.68 25.93
C GLN B 4 -22.43 -19.08 26.99
N SER B 5 -22.84 -17.84 26.77
CA SER B 5 -23.82 -17.18 27.62
C SER B 5 -24.65 -16.20 26.81
N VAL B 6 -25.81 -15.83 27.32
CA VAL B 6 -26.68 -14.88 26.64
C VAL B 6 -27.25 -13.86 27.62
N VAL B 7 -26.98 -12.58 27.36
CA VAL B 7 -27.45 -11.51 28.22
C VAL B 7 -28.67 -10.83 27.60
N ILE B 8 -29.82 -11.03 28.22
CA ILE B 8 -31.07 -10.47 27.72
C ILE B 8 -31.37 -9.11 28.36
N SER B 9 -31.72 -8.14 27.53
CA SER B 9 -32.10 -6.82 28.02
C SER B 9 -33.54 -6.52 27.59
N GLU B 10 -34.12 -5.46 28.15
CA GLU B 10 -35.49 -5.07 27.85
C GLU B 10 -35.62 -4.47 26.45
N LYS B 11 -34.69 -3.58 26.11
CA LYS B 11 -34.70 -2.90 24.82
C LYS B 11 -33.41 -3.20 24.05
N PHE B 12 -33.54 -3.32 22.72
CA PHE B 12 -32.39 -3.60 21.87
C PHE B 12 -31.22 -2.68 22.20
N ALA B 13 -31.51 -1.40 22.41
CA ALA B 13 -30.47 -0.43 22.69
C ALA B 13 -29.62 -0.88 23.88
N ASN B 14 -30.27 -1.45 24.88
CA ASN B 14 -29.59 -1.82 26.12
C ASN B 14 -28.50 -2.87 25.92
N SER B 15 -28.57 -3.62 24.83
CA SER B 15 -27.55 -4.60 24.52
C SER B 15 -26.21 -3.91 24.29
N ILE B 16 -26.25 -2.67 23.83
CA ILE B 16 -25.04 -1.89 23.62
C ILE B 16 -24.35 -1.64 24.95
N PHE B 17 -25.11 -1.17 25.93
CA PHE B 17 -24.57 -0.88 27.25
C PHE B 17 -23.98 -2.14 27.86
N ALA B 18 -24.78 -3.21 27.87
CA ALA B 18 -24.34 -4.50 28.38
C ALA B 18 -22.94 -4.83 27.86
N ALA B 19 -22.76 -4.67 26.56
CA ALA B 19 -21.49 -5.01 25.91
C ALA B 19 -20.36 -4.10 26.36
N VAL B 20 -20.64 -2.81 26.47
CA VAL B 20 -19.62 -1.86 26.88
C VAL B 20 -19.15 -2.18 28.28
N GLU B 21 -20.09 -2.43 29.18
CA GLU B 21 -19.75 -2.81 30.54
C GLU B 21 -18.92 -4.08 30.54
N HIS B 22 -19.41 -5.11 29.86
CA HIS B 22 -18.72 -6.39 29.78
C HIS B 22 -17.26 -6.21 29.37
N ILE B 23 -17.04 -5.38 28.36
CA ILE B 23 -15.71 -5.13 27.85
C ILE B 23 -14.83 -4.45 28.90
N LYS B 24 -15.39 -3.48 29.61
CA LYS B 24 -14.64 -2.75 30.63
C LYS B 24 -14.16 -3.72 31.71
N LYS B 25 -15.06 -4.58 32.17
CA LYS B 25 -14.73 -5.58 33.17
C LYS B 25 -13.56 -6.43 32.71
N GLN B 26 -13.68 -7.00 31.51
CA GLN B 26 -12.66 -7.89 30.96
C GLN B 26 -11.30 -7.20 30.87
N ILE B 27 -11.31 -5.93 30.46
CA ILE B 27 -10.07 -5.16 30.36
C ILE B 27 -9.43 -5.00 31.73
N LYS B 28 -10.25 -4.67 32.72
CA LYS B 28 -9.76 -4.48 34.09
C LYS B 28 -9.10 -5.76 34.60
N GLU B 29 -9.81 -6.87 34.45
CA GLU B 29 -9.36 -8.17 34.96
C GLU B 29 -8.12 -8.67 34.24
N ARG B 30 -8.02 -8.37 32.95
CA ARG B 30 -6.91 -8.87 32.13
C ARG B 30 -5.79 -7.85 32.02
N ASP B 31 -5.96 -6.69 32.62
CA ASP B 31 -4.96 -5.64 32.54
C ASP B 31 -4.73 -5.25 31.08
N SER B 32 -5.83 -5.11 30.36
CA SER B 32 -5.82 -4.65 28.97
C SER B 32 -5.20 -5.65 27.99
N ASN B 33 -5.04 -6.90 28.44
CA ASN B 33 -4.62 -7.98 27.55
C ASN B 33 -5.86 -8.71 27.06
N TYR B 34 -6.69 -7.99 26.31
CA TYR B 34 -7.98 -8.51 25.86
C TYR B 34 -8.04 -8.52 24.34
N LYS B 35 -8.50 -9.62 23.77
CA LYS B 35 -8.58 -9.79 22.33
C LYS B 35 -9.90 -10.45 22.04
N ALA B 36 -10.80 -9.72 21.39
CA ALA B 36 -12.16 -10.22 21.15
C ALA B 36 -12.70 -9.78 19.80
N ILE B 37 -13.68 -10.52 19.31
CA ILE B 37 -14.38 -10.18 18.08
C ILE B 37 -15.82 -9.84 18.43
N ILE B 38 -16.30 -8.70 17.93
CA ILE B 38 -17.69 -8.30 18.19
C ILE B 38 -18.49 -8.23 16.90
N PHE B 39 -19.45 -9.13 16.76
CA PHE B 39 -20.25 -9.22 15.54
C PHE B 39 -21.45 -8.28 15.58
N ALA B 40 -21.80 -7.72 14.43
CA ALA B 40 -22.91 -6.79 14.32
C ALA B 40 -23.72 -7.04 13.05
N PRO B 41 -25.00 -6.64 13.04
CA PRO B 41 -25.92 -6.99 11.95
C PRO B 41 -25.76 -6.14 10.68
N THR B 42 -25.33 -4.89 10.82
CA THR B 42 -25.21 -4.01 9.65
C THR B 42 -23.87 -3.26 9.65
N VAL B 43 -23.50 -2.75 8.48
CA VAL B 43 -22.24 -2.04 8.32
C VAL B 43 -22.24 -0.73 9.07
N LYS B 44 -23.32 0.04 8.91
CA LYS B 44 -23.45 1.32 9.60
C LYS B 44 -23.35 1.12 11.11
N PHE B 45 -24.09 0.16 11.63
CA PHE B 45 -24.10 -0.11 13.07
C PHE B 45 -22.71 -0.54 13.53
N THR B 46 -22.00 -1.26 12.67
CA THR B 46 -20.65 -1.71 13.00
C THR B 46 -19.73 -0.51 13.21
N SER B 47 -19.81 0.45 12.30
CA SER B 47 -19.02 1.67 12.41
C SER B 47 -19.42 2.44 13.67
N PHE B 48 -20.72 2.55 13.90
CA PHE B 48 -21.24 3.25 15.06
C PHE B 48 -20.66 2.64 16.34
N LEU B 49 -20.59 1.33 16.38
CA LEU B 49 -20.06 0.63 17.55
C LEU B 49 -18.58 0.95 17.76
N CYS B 50 -17.84 1.06 16.66
CA CYS B 50 -16.41 1.37 16.75
C CYS B 50 -16.18 2.74 17.36
N SER B 51 -17.00 3.72 16.97
CA SER B 51 -16.92 5.04 17.56
C SER B 51 -17.00 4.94 19.07
N ILE B 52 -18.11 4.40 19.56
CA ILE B 52 -18.32 4.23 21.00
C ILE B 52 -17.13 3.54 21.65
N LEU B 53 -16.79 2.35 21.15
CA LEU B 53 -15.73 1.55 21.74
C LEU B 53 -14.37 2.23 21.67
N LYS B 54 -14.19 3.10 20.67
CA LYS B 54 -12.98 3.89 20.59
C LYS B 54 -12.99 4.95 21.68
N ASN B 55 -14.10 5.68 21.78
CA ASN B 55 -14.24 6.71 22.80
C ASN B 55 -14.09 6.13 24.20
N GLU B 56 -14.40 4.84 24.33
CA GLU B 56 -14.35 4.18 25.63
C GLU B 56 -13.00 3.54 25.91
N PHE B 57 -12.39 2.92 24.91
CA PHE B 57 -11.20 2.11 25.14
C PHE B 57 -10.06 2.38 24.16
N LYS B 58 -10.15 3.49 23.42
CA LYS B 58 -9.08 3.85 22.48
C LYS B 58 -7.73 3.79 23.19
N LYS B 59 -7.71 4.21 24.44
CA LYS B 59 -6.48 4.27 25.24
C LYS B 59 -5.94 2.88 25.60
N ASP B 60 -6.85 1.94 25.82
CA ASP B 60 -6.46 0.61 26.30
C ASP B 60 -6.17 -0.36 25.16
N LEU B 61 -6.97 -0.29 24.10
CA LEU B 61 -6.91 -1.29 23.05
C LEU B 61 -7.05 -0.70 21.65
N PRO B 62 -6.51 -1.41 20.65
CA PRO B 62 -6.77 -1.06 19.25
C PRO B 62 -8.15 -1.56 18.81
N ILE B 63 -8.97 -0.66 18.31
CA ILE B 63 -10.31 -1.02 17.82
C ILE B 63 -10.31 -1.09 16.31
N LEU B 64 -10.67 -2.25 15.76
CA LEU B 64 -10.59 -2.47 14.33
C LEU B 64 -11.97 -2.66 13.69
N GLU B 65 -12.25 -1.83 12.69
CA GLU B 65 -13.50 -1.93 11.93
C GLU B 65 -13.26 -2.79 10.70
N PHE B 66 -14.20 -3.70 10.42
CA PHE B 66 -14.01 -4.68 9.36
C PHE B 66 -15.34 -5.18 8.83
N HIS B 67 -15.58 -4.95 7.53
CA HIS B 67 -16.83 -5.37 6.90
C HIS B 67 -16.69 -5.37 5.36
N GLY B 68 -17.74 -5.82 4.68
CA GLY B 68 -17.69 -6.03 3.24
C GLY B 68 -17.37 -4.79 2.43
N LYS B 69 -17.71 -3.62 2.98
CA LYS B 69 -17.44 -2.35 2.33
C LYS B 69 -16.14 -1.71 2.82
N ILE B 70 -15.18 -2.56 3.17
CA ILE B 70 -13.80 -2.13 3.41
C ILE B 70 -12.96 -2.63 2.24
N THR B 71 -12.29 -1.72 1.55
CA THR B 71 -11.56 -2.07 0.34
C THR B 71 -10.60 -3.24 0.59
N GLN B 72 -10.33 -4.01 -0.46
CA GLN B 72 -9.58 -5.26 -0.32
C GLN B 72 -8.18 -5.07 0.24
N ASN B 73 -7.51 -3.99 -0.14
CA ASN B 73 -6.18 -3.70 0.38
C ASN B 73 -6.21 -3.49 1.90
N LYS B 74 -7.08 -2.58 2.34
CA LYS B 74 -7.22 -2.28 3.76
C LYS B 74 -7.67 -3.51 4.54
N ARG B 75 -8.36 -4.42 3.86
CA ARG B 75 -8.82 -5.65 4.50
C ARG B 75 -7.65 -6.61 4.71
N THR B 76 -6.80 -6.73 3.70
CA THR B 76 -5.66 -7.63 3.78
C THR B 76 -4.70 -7.20 4.87
N SER B 77 -4.58 -5.88 5.08
CA SER B 77 -3.62 -5.36 6.05
C SER B 77 -4.07 -5.54 7.50
N LEU B 78 -5.36 -5.31 7.78
CA LEU B 78 -5.82 -5.34 9.15
C LEU B 78 -6.11 -6.76 9.60
N VAL B 79 -6.30 -7.67 8.63
CA VAL B 79 -6.37 -9.09 8.95
C VAL B 79 -5.00 -9.51 9.42
N LYS B 80 -3.98 -9.12 8.67
CA LYS B 80 -2.59 -9.37 9.07
C LYS B 80 -2.32 -8.76 10.44
N ARG B 81 -2.79 -7.54 10.65
CA ARG B 81 -2.55 -6.83 11.90
C ARG B 81 -3.22 -7.53 13.07
N PHE B 82 -4.48 -7.91 12.90
CA PHE B 82 -5.24 -8.52 13.99
C PHE B 82 -4.71 -9.91 14.32
N LYS B 83 -4.21 -10.61 13.31
CA LYS B 83 -3.55 -11.89 13.53
C LYS B 83 -2.38 -11.71 14.47
N LYS B 84 -1.65 -10.61 14.30
CA LYS B 84 -0.43 -10.33 15.07
C LYS B 84 -0.73 -9.81 16.46
N ASP B 85 -1.72 -8.92 16.58
CA ASP B 85 -2.07 -8.32 17.86
C ASP B 85 -2.42 -9.37 18.90
N GLU B 86 -1.87 -9.23 20.10
CA GLU B 86 -2.29 -10.06 21.22
C GLU B 86 -3.49 -9.42 21.88
N SER B 87 -3.69 -8.14 21.61
CA SER B 87 -4.76 -7.38 22.25
C SER B 87 -5.47 -6.52 21.21
N GLY B 88 -6.79 -6.40 21.34
CA GLY B 88 -7.56 -5.57 20.45
C GLY B 88 -8.95 -6.12 20.21
N ILE B 89 -9.85 -5.27 19.72
CA ILE B 89 -11.23 -5.69 19.46
C ILE B 89 -11.60 -5.51 17.99
N LEU B 90 -11.88 -6.62 17.31
CA LEU B 90 -12.31 -6.59 15.92
C LEU B 90 -13.83 -6.55 15.87
N VAL B 91 -14.38 -5.39 15.51
CA VAL B 91 -15.81 -5.25 15.35
C VAL B 91 -16.15 -5.44 13.87
N CYS B 92 -17.04 -6.39 13.57
CA CYS B 92 -17.29 -6.76 12.19
C CYS B 92 -18.69 -7.31 11.97
N THR B 93 -19.04 -7.46 10.70
CA THR B 93 -20.27 -8.12 10.29
C THR B 93 -19.96 -9.58 10.01
N ASP B 94 -20.93 -10.32 9.49
CA ASP B 94 -20.71 -11.72 9.12
C ASP B 94 -19.90 -11.81 7.84
N VAL B 95 -18.70 -11.26 7.87
CA VAL B 95 -17.78 -11.32 6.74
C VAL B 95 -17.50 -12.78 6.39
N GLY B 96 -17.55 -13.08 5.10
CA GLY B 96 -17.50 -14.46 4.65
C GLY B 96 -16.28 -14.86 3.83
N ALA B 97 -15.12 -14.28 4.14
CA ALA B 97 -13.90 -14.66 3.45
C ALA B 97 -13.30 -15.92 4.08
N ARG B 98 -12.24 -16.44 3.48
CA ARG B 98 -11.73 -17.76 3.83
C ARG B 98 -10.55 -17.76 4.81
N GLY B 99 -9.92 -16.61 5.00
CA GLY B 99 -8.74 -16.54 5.86
C GLY B 99 -8.97 -15.74 7.13
N MET B 100 -10.01 -16.09 7.87
CA MET B 100 -10.35 -15.36 9.09
C MET B 100 -10.01 -16.17 10.33
N ASP B 101 -8.92 -16.93 10.26
CA ASP B 101 -8.45 -17.68 11.43
C ASP B 101 -7.55 -16.81 12.30
N PHE B 102 -8.12 -16.28 13.37
CA PHE B 102 -7.37 -15.43 14.29
C PHE B 102 -7.02 -16.19 15.57
N PRO B 103 -5.72 -16.23 15.92
CA PRO B 103 -5.29 -16.96 17.12
C PRO B 103 -5.52 -16.18 18.42
N ASN B 104 -5.61 -16.91 19.53
CA ASN B 104 -5.64 -16.31 20.86
C ASN B 104 -6.76 -15.30 21.07
N VAL B 105 -7.91 -15.53 20.46
CA VAL B 105 -9.10 -14.73 20.71
C VAL B 105 -9.78 -15.22 21.99
N HIS B 106 -9.94 -14.34 22.96
CA HIS B 106 -10.49 -14.71 24.26
C HIS B 106 -12.00 -14.84 24.23
N GLU B 107 -12.68 -13.94 23.53
CA GLU B 107 -14.13 -13.95 23.50
C GLU B 107 -14.72 -13.55 22.15
N VAL B 108 -15.90 -14.07 21.85
CA VAL B 108 -16.69 -13.61 20.72
C VAL B 108 -17.99 -13.00 21.25
N LEU B 109 -18.16 -11.70 21.05
CA LEU B 109 -19.37 -11.02 21.49
C LEU B 109 -20.31 -10.81 20.31
N GLN B 110 -21.61 -10.88 20.57
CA GLN B 110 -22.60 -10.70 19.52
C GLN B 110 -23.70 -9.74 19.97
N ILE B 111 -23.72 -8.56 19.38
CA ILE B 111 -24.78 -7.59 19.64
C ILE B 111 -25.90 -7.78 18.64
N GLY B 112 -27.02 -8.32 19.12
CA GLY B 112 -28.14 -8.66 18.25
C GLY B 112 -27.90 -9.98 17.56
N VAL B 113 -28.99 -10.67 17.21
CA VAL B 113 -28.89 -11.97 16.55
C VAL B 113 -28.18 -11.86 15.21
N PRO B 114 -27.64 -12.98 14.73
CA PRO B 114 -27.02 -13.06 13.40
C PRO B 114 -28.07 -13.14 12.29
N SER B 115 -27.70 -12.74 11.07
CA SER B 115 -28.64 -12.71 9.97
C SER B 115 -29.26 -14.08 9.67
N GLU B 116 -28.45 -15.13 9.78
CA GLU B 116 -28.98 -16.48 9.63
C GLU B 116 -28.51 -17.42 10.74
N LEU B 117 -29.37 -18.37 11.08
CA LEU B 117 -29.15 -19.27 12.21
C LEU B 117 -27.78 -19.94 12.16
N ALA B 118 -27.34 -20.31 10.95
CA ALA B 118 -26.09 -21.04 10.79
C ALA B 118 -24.89 -20.24 11.28
N ASN B 119 -24.93 -18.93 11.10
CA ASN B 119 -23.79 -18.08 11.43
C ASN B 119 -23.43 -18.05 12.91
N TYR B 120 -24.40 -18.33 13.78
CA TYR B 120 -24.12 -18.37 15.21
C TYR B 120 -22.96 -19.33 15.47
N ILE B 121 -23.05 -20.52 14.90
CA ILE B 121 -22.00 -21.51 15.02
C ILE B 121 -20.68 -20.95 14.51
N HIS B 122 -20.72 -20.38 13.30
CA HIS B 122 -19.52 -19.89 12.65
C HIS B 122 -18.81 -18.82 13.47
N ARG B 123 -19.60 -17.96 14.13
CA ARG B 123 -19.05 -16.86 14.90
C ARG B 123 -18.24 -17.35 16.10
N ILE B 124 -18.86 -18.18 16.93
CA ILE B 124 -18.21 -18.69 18.13
C ILE B 124 -17.05 -19.62 17.77
N GLY B 125 -17.01 -20.09 16.54
CA GLY B 125 -15.91 -20.90 16.06
C GLY B 125 -14.59 -20.16 16.14
N ARG B 126 -14.67 -18.83 16.07
CA ARG B 126 -13.47 -17.99 16.04
C ARG B 126 -12.70 -18.03 17.37
N THR B 127 -13.33 -18.59 18.41
CA THR B 127 -12.69 -18.68 19.72
C THR B 127 -12.54 -20.13 20.17
N ALA B 128 -11.86 -20.34 21.29
CA ALA B 128 -11.59 -21.68 21.78
C ALA B 128 -10.92 -22.49 20.68
N ARG B 129 -9.86 -21.91 20.09
CA ARG B 129 -9.17 -22.52 18.96
C ARG B 129 -7.93 -23.28 19.40
N SER B 130 -7.63 -24.36 18.67
CA SER B 130 -6.42 -25.15 18.91
C SER B 130 -6.11 -25.34 20.39
N GLY B 131 -7.08 -25.88 21.13
CA GLY B 131 -6.87 -26.27 22.52
C GLY B 131 -7.21 -25.22 23.54
N LYS B 132 -6.95 -23.96 23.22
CA LYS B 132 -7.17 -22.86 24.16
C LYS B 132 -8.64 -22.80 24.56
N GLU B 133 -8.91 -22.16 25.69
CA GLU B 133 -10.28 -21.95 26.15
C GLU B 133 -10.84 -20.66 25.55
N GLY B 134 -12.15 -20.48 25.63
CA GLY B 134 -12.78 -19.31 25.06
C GLY B 134 -14.23 -19.15 25.51
N SER B 135 -14.79 -17.97 25.28
CA SER B 135 -16.16 -17.69 25.71
C SER B 135 -16.96 -16.94 24.66
N SER B 136 -18.28 -17.12 24.70
CA SER B 136 -19.18 -16.40 23.81
C SER B 136 -20.28 -15.73 24.60
N VAL B 137 -20.60 -14.49 24.23
CA VAL B 137 -21.69 -13.77 24.87
C VAL B 137 -22.63 -13.18 23.83
N LEU B 138 -23.88 -13.59 23.87
CA LEU B 138 -24.88 -13.10 22.95
C LEU B 138 -25.78 -12.07 23.63
N PHE B 139 -25.62 -10.80 23.23
CA PHE B 139 -26.44 -9.73 23.77
C PHE B 139 -27.69 -9.53 22.91
N ILE B 140 -28.85 -9.91 23.44
CA ILE B 140 -30.10 -9.69 22.73
C ILE B 140 -31.12 -8.98 23.62
N CYS B 141 -32.28 -8.66 23.05
CA CYS B 141 -33.36 -8.04 23.81
C CYS B 141 -34.55 -8.97 23.89
N LYS B 142 -35.45 -8.68 24.82
CA LYS B 142 -36.62 -9.52 25.07
C LYS B 142 -37.25 -10.06 23.78
N ASP B 143 -37.46 -9.17 22.81
CA ASP B 143 -38.19 -9.53 21.60
C ASP B 143 -37.40 -10.43 20.65
N GLU B 144 -36.09 -10.54 20.88
CA GLU B 144 -35.25 -11.39 20.04
C GLU B 144 -35.24 -12.85 20.53
N LEU B 145 -35.83 -13.08 21.70
CA LEU B 145 -35.68 -14.38 22.37
C LEU B 145 -36.02 -15.60 21.51
N PRO B 146 -37.11 -15.53 20.73
CA PRO B 146 -37.49 -16.69 19.92
C PRO B 146 -36.31 -17.29 19.16
N PHE B 147 -35.26 -16.50 18.97
CA PHE B 147 -34.04 -16.97 18.32
C PHE B 147 -33.37 -18.10 19.10
N VAL B 148 -33.26 -17.93 20.41
CA VAL B 148 -32.59 -18.92 21.25
C VAL B 148 -33.35 -20.25 21.20
N ARG B 149 -34.68 -20.16 21.22
CA ARG B 149 -35.51 -21.35 21.14
C ARG B 149 -35.34 -22.03 19.79
N GLU B 150 -35.15 -21.21 18.76
CA GLU B 150 -34.94 -21.74 17.42
C GLU B 150 -33.58 -22.43 17.33
N LEU B 151 -32.59 -21.90 18.07
CA LEU B 151 -31.26 -22.49 18.07
C LEU B 151 -31.32 -23.93 18.59
N GLU B 152 -32.13 -24.16 19.61
CA GLU B 152 -32.31 -25.50 20.15
C GLU B 152 -33.05 -26.37 19.16
N ASP B 153 -34.30 -26.01 18.89
CA ASP B 153 -35.14 -26.82 18.01
C ASP B 153 -34.44 -27.14 16.72
N ALA B 154 -33.80 -26.15 16.12
CA ALA B 154 -33.08 -26.34 14.87
C ALA B 154 -31.70 -26.95 15.12
N LYS B 155 -30.70 -26.10 15.35
CA LYS B 155 -29.31 -26.54 15.39
C LYS B 155 -28.96 -27.33 16.64
N ASN B 156 -29.92 -27.50 17.54
CA ASN B 156 -29.73 -28.33 18.72
C ASN B 156 -28.60 -27.82 19.62
N ILE B 157 -28.59 -26.51 19.87
CA ILE B 157 -27.61 -25.90 20.74
C ILE B 157 -28.29 -25.22 21.93
N VAL B 158 -27.74 -25.41 23.12
CA VAL B 158 -28.28 -24.77 24.32
C VAL B 158 -27.24 -23.85 24.95
N ILE B 159 -27.65 -22.63 25.29
CA ILE B 159 -26.78 -21.69 25.97
C ILE B 159 -27.01 -21.79 27.48
N ALA B 160 -26.04 -22.35 28.19
CA ALA B 160 -26.18 -22.63 29.61
C ALA B 160 -26.46 -21.38 30.43
N LYS B 161 -25.57 -20.40 30.35
CA LYS B 161 -25.65 -19.22 31.18
C LYS B 161 -26.57 -18.15 30.59
N GLN B 162 -27.67 -17.87 31.28
CA GLN B 162 -28.52 -16.74 30.94
C GLN B 162 -28.31 -15.65 31.98
N GLU B 163 -28.66 -14.43 31.61
CA GLU B 163 -28.60 -13.30 32.53
C GLU B 163 -29.50 -12.18 32.04
N LYS B 164 -30.32 -11.66 32.94
CA LYS B 164 -31.15 -10.51 32.61
C LYS B 164 -30.39 -9.24 32.99
N TYR B 165 -30.46 -8.22 32.15
CA TYR B 165 -29.65 -7.02 32.32
C TYR B 165 -30.45 -5.74 32.18
N GLU B 166 -30.40 -4.91 33.21
CA GLU B 166 -30.94 -3.56 33.14
C GLU B 166 -29.81 -2.59 33.46
N PRO B 167 -29.55 -1.63 32.54
CA PRO B 167 -28.37 -0.76 32.67
C PRO B 167 -28.56 0.33 33.71
N SER B 168 -27.47 0.67 34.40
CA SER B 168 -27.48 1.76 35.36
C SER B 168 -27.62 3.08 34.63
N GLU B 169 -28.13 4.10 35.32
CA GLU B 169 -28.23 5.43 34.72
C GLU B 169 -26.84 6.00 34.50
N GLU B 170 -25.85 5.46 35.22
CA GLU B 170 -24.47 5.89 35.07
C GLU B 170 -23.90 5.46 33.72
N ILE B 171 -24.09 4.19 33.37
CA ILE B 171 -23.54 3.67 32.12
C ILE B 171 -24.21 4.32 30.92
N LYS B 172 -25.53 4.46 30.98
CA LYS B 172 -26.28 5.07 29.89
C LYS B 172 -25.74 6.45 29.56
N SER B 173 -25.40 7.21 30.59
CA SER B 173 -24.91 8.56 30.41
C SER B 173 -23.47 8.57 29.88
N GLU B 174 -22.65 7.67 30.41
CA GLU B 174 -21.26 7.59 30.00
C GLU B 174 -21.14 7.32 28.51
N VAL B 175 -21.96 6.40 28.02
CA VAL B 175 -21.96 6.01 26.62
C VAL B 175 -22.53 7.11 25.73
N LEU B 176 -23.77 7.50 26.01
CA LEU B 176 -24.49 8.46 25.18
C LEU B 176 -23.78 9.81 25.07
N GLU B 177 -23.04 10.18 26.10
CA GLU B 177 -22.31 11.45 26.09
C GLU B 177 -21.10 11.37 25.17
N ALA B 178 -20.56 10.16 25.01
CA ALA B 178 -19.41 9.95 24.14
C ALA B 178 -19.83 9.80 22.68
N VAL B 179 -21.14 9.76 22.44
CA VAL B 179 -21.66 9.64 21.08
C VAL B 179 -21.67 11.00 20.38
N THR B 180 -20.86 11.12 19.33
CA THR B 180 -20.72 12.39 18.63
C THR B 180 -21.61 12.44 17.37
N GLU B 181 -22.14 11.29 16.97
CA GLU B 181 -22.96 11.22 15.77
C GLU B 181 -24.16 12.16 15.85
N GLU B 182 -24.56 12.69 14.70
CA GLU B 182 -25.73 13.57 14.62
C GLU B 182 -26.99 12.77 14.34
N PRO B 183 -28.16 13.33 14.68
CA PRO B 183 -29.45 12.64 14.53
C PRO B 183 -29.64 12.03 13.15
N GLU B 184 -29.21 12.73 12.11
CA GLU B 184 -29.33 12.22 10.75
C GLU B 184 -28.58 10.90 10.60
N ASP B 185 -27.42 10.80 11.26
CA ASP B 185 -26.62 9.59 11.21
C ASP B 185 -27.26 8.48 12.05
N ILE B 186 -27.80 8.86 13.20
CA ILE B 186 -28.46 7.90 14.08
C ILE B 186 -29.68 7.31 13.38
N SER B 187 -30.31 8.10 12.52
CA SER B 187 -31.47 7.64 11.76
C SER B 187 -31.04 6.62 10.72
N ASP B 188 -29.97 6.94 9.99
CA ASP B 188 -29.42 6.02 9.00
C ASP B 188 -29.05 4.69 9.65
N ILE B 189 -28.42 4.78 10.83
CA ILE B 189 -27.98 3.60 11.56
C ILE B 189 -29.16 2.72 11.95
N VAL B 190 -30.14 3.30 12.62
CA VAL B 190 -31.30 2.54 13.10
C VAL B 190 -32.09 1.94 11.94
N ILE B 191 -32.21 2.68 10.84
CA ILE B 191 -32.92 2.18 9.67
C ILE B 191 -32.26 0.93 9.10
N SER B 192 -30.93 0.91 9.08
CA SER B 192 -30.21 -0.27 8.63
C SER B 192 -30.56 -1.46 9.50
N LEU B 193 -30.78 -1.20 10.79
CA LEU B 193 -31.15 -2.24 11.73
C LEU B 193 -32.59 -2.68 11.48
N ILE B 194 -33.46 -1.72 11.23
CA ILE B 194 -34.86 -2.00 10.92
C ILE B 194 -34.96 -2.93 9.71
N SER B 195 -34.17 -2.66 8.68
CA SER B 195 -34.20 -3.46 7.46
C SER B 195 -33.59 -4.84 7.69
N SER B 196 -32.52 -4.88 8.46
CA SER B 196 -31.86 -6.14 8.80
C SER B 196 -32.83 -7.06 9.54
N TYR B 197 -33.42 -6.55 10.61
CA TYR B 197 -34.32 -7.34 11.42
C TYR B 197 -35.58 -7.72 10.66
N ARG B 198 -36.02 -6.86 9.75
CA ARG B 198 -37.21 -7.13 8.97
C ARG B 198 -37.01 -8.34 8.05
N SER B 199 -35.75 -8.61 7.71
CA SER B 199 -35.43 -9.67 6.76
C SER B 199 -35.35 -11.06 7.41
N CYS B 200 -35.24 -11.10 8.73
CA CYS B 200 -35.08 -12.37 9.44
C CYS B 200 -36.18 -12.58 10.47
N ILE B 201 -37.40 -12.13 10.16
CA ILE B 201 -38.54 -12.33 11.05
C ILE B 201 -39.07 -13.75 10.92
N LYS B 202 -39.50 -14.10 9.71
CA LYS B 202 -40.07 -15.41 9.44
C LYS B 202 -39.15 -16.53 9.90
N GLU B 203 -37.85 -16.35 9.68
CA GLU B 203 -36.88 -17.38 10.01
C GLU B 203 -36.77 -17.61 11.52
N TYR B 204 -36.90 -16.54 12.29
CA TYR B 204 -36.74 -16.62 13.74
C TYR B 204 -38.08 -16.58 14.48
N ARG B 205 -39.17 -16.59 13.73
CA ARG B 205 -40.51 -16.54 14.32
C ARG B 205 -40.68 -15.35 15.25
N PHE B 206 -40.21 -14.18 14.82
CA PHE B 206 -40.37 -12.96 15.60
C PHE B 206 -41.79 -12.45 15.48
N SER B 207 -42.15 -11.51 16.35
CA SER B 207 -43.43 -10.81 16.25
C SER B 207 -43.21 -9.44 15.66
N GLU B 208 -43.53 -9.31 14.36
CA GLU B 208 -43.30 -8.06 13.64
C GLU B 208 -43.81 -6.85 14.43
N ARG B 209 -45.02 -6.97 14.95
CA ARG B 209 -45.66 -5.86 15.64
C ARG B 209 -44.91 -5.40 16.88
N ARG B 210 -44.04 -6.26 17.41
CA ARG B 210 -43.25 -5.92 18.58
C ARG B 210 -41.81 -5.56 18.24
N ILE B 211 -41.14 -6.41 17.45
CA ILE B 211 -39.72 -6.28 17.22
C ILE B 211 -39.35 -4.98 16.47
N LEU B 212 -40.09 -4.66 15.43
CA LEU B 212 -39.76 -3.50 14.60
C LEU B 212 -39.85 -2.19 15.38
N PRO B 213 -40.99 -1.96 16.06
CA PRO B 213 -41.07 -0.77 16.91
C PRO B 213 -39.90 -0.68 17.90
N GLU B 214 -39.51 -1.81 18.48
CA GLU B 214 -38.44 -1.83 19.47
C GLU B 214 -37.09 -1.44 18.85
N ILE B 215 -36.80 -2.00 17.69
CA ILE B 215 -35.57 -1.65 16.99
C ILE B 215 -35.58 -0.17 16.65
N ALA B 216 -36.74 0.31 16.23
CA ALA B 216 -36.91 1.73 15.86
C ALA B 216 -36.75 2.63 17.07
N SER B 217 -37.21 2.16 18.23
CA SER B 217 -37.16 2.94 19.45
C SER B 217 -35.72 3.27 19.83
N THR B 218 -34.78 2.53 19.24
CA THR B 218 -33.36 2.76 19.49
C THR B 218 -33.00 4.19 19.13
N TYR B 219 -33.71 4.75 18.15
CA TYR B 219 -33.47 6.12 17.70
C TYR B 219 -33.58 7.10 18.86
N GLY B 220 -34.75 7.14 19.49
CA GLY B 220 -34.97 8.01 20.63
C GLY B 220 -34.00 7.71 21.75
N VAL B 221 -33.92 6.44 22.13
CA VAL B 221 -33.07 6.02 23.25
C VAL B 221 -31.64 6.53 23.12
N LEU B 222 -31.13 6.57 21.90
CA LEU B 222 -29.76 7.05 21.66
C LEU B 222 -29.69 8.57 21.68
N LEU B 223 -30.75 9.22 21.23
CA LEU B 223 -30.82 10.69 21.26
C LEU B 223 -31.33 11.18 22.61
N ASN B 224 -31.49 10.26 23.55
CA ASN B 224 -31.88 10.60 24.92
C ASN B 224 -33.28 11.19 25.01
N ASP B 225 -34.19 10.67 24.18
CA ASP B 225 -35.57 11.09 24.18
C ASP B 225 -36.45 9.92 23.76
N PRO B 226 -36.70 8.98 24.70
CA PRO B 226 -37.36 7.70 24.46
C PRO B 226 -38.64 7.75 23.62
N GLN B 227 -39.37 8.86 23.66
CA GLN B 227 -40.64 8.94 22.95
C GLN B 227 -40.51 9.58 21.57
N LEU B 228 -39.30 10.03 21.24
CA LEU B 228 -39.02 10.65 19.95
C LEU B 228 -38.91 9.60 18.85
N LYS B 229 -39.81 9.67 17.87
CA LYS B 229 -39.80 8.71 16.78
C LYS B 229 -38.93 9.18 15.61
N ILE B 230 -38.73 8.30 14.63
CA ILE B 230 -37.86 8.60 13.50
C ILE B 230 -38.58 9.46 12.46
N PRO B 231 -37.97 10.58 12.06
CA PRO B 231 -38.55 11.49 11.07
C PRO B 231 -38.32 11.03 9.63
N VAL B 232 -39.41 10.82 8.89
CA VAL B 232 -39.31 10.41 7.49
C VAL B 232 -40.43 11.04 6.66
N SER B 233 -40.23 11.12 5.35
CA SER B 233 -41.23 11.64 4.44
C SER B 233 -42.29 10.58 4.14
N ARG B 234 -43.49 11.02 3.79
CA ARG B 234 -44.55 10.09 3.41
C ARG B 234 -44.09 9.25 2.23
N ARG B 235 -43.22 9.84 1.41
CA ARG B 235 -42.69 9.14 0.23
C ARG B 235 -41.71 8.05 0.66
N PHE B 236 -40.83 8.36 1.59
CA PHE B 236 -39.86 7.39 2.08
C PHE B 236 -40.56 6.23 2.77
N LEU B 237 -41.67 6.53 3.45
CA LEU B 237 -42.42 5.49 4.15
C LEU B 237 -43.05 4.53 3.14
N ASP B 238 -43.51 5.05 2.02
CA ASP B 238 -44.04 4.22 0.95
C ASP B 238 -42.93 3.35 0.36
N LYS B 239 -41.74 3.93 0.25
CA LYS B 239 -40.58 3.23 -0.30
C LYS B 239 -40.22 1.99 0.52
N LEU B 240 -40.54 2.02 1.81
CA LEU B 240 -40.30 0.88 2.68
C LEU B 240 -41.51 -0.04 2.73
N GLY B 241 -42.68 0.49 2.40
CA GLY B 241 -43.91 -0.29 2.39
C GLY B 241 -44.51 -0.44 3.78
N LEU B 242 -44.37 0.60 4.59
CA LEU B 242 -44.96 0.63 5.91
C LEU B 242 -45.86 1.85 6.01
N SER B 243 -46.40 2.27 4.85
CA SER B 243 -47.20 3.48 4.75
C SER B 243 -48.56 3.40 5.43
N ARG B 244 -49.36 2.40 5.07
CA ARG B 244 -50.69 2.27 5.64
C ARG B 244 -50.70 1.29 6.82
N SER B 245 -49.58 1.20 7.52
CA SER B 245 -49.43 0.25 8.61
C SER B 245 -49.36 0.97 9.96
N PRO B 246 -50.04 0.41 10.98
CA PRO B 246 -49.96 0.97 12.34
C PRO B 246 -48.54 0.86 12.91
N ILE B 247 -47.80 -0.16 12.48
CA ILE B 247 -46.42 -0.34 12.90
C ILE B 247 -45.60 0.88 12.48
N GLY B 248 -45.84 1.38 11.28
CA GLY B 248 -45.16 2.56 10.79
C GLY B 248 -45.51 3.76 11.64
N LYS B 249 -46.79 3.88 11.97
CA LYS B 249 -47.27 4.94 12.85
C LYS B 249 -46.55 4.88 14.19
N ALA B 250 -46.17 3.68 14.60
CA ALA B 250 -45.48 3.47 15.87
C ALA B 250 -43.98 3.75 15.77
N MET B 251 -43.41 3.52 14.58
CA MET B 251 -41.97 3.63 14.40
C MET B 251 -41.55 5.02 13.93
N PHE B 252 -42.40 5.68 13.15
CA PHE B 252 -42.00 6.89 12.45
C PHE B 252 -42.85 8.11 12.76
N GLU B 253 -42.29 9.28 12.45
CA GLU B 253 -43.02 10.54 12.50
C GLU B 253 -43.06 11.15 11.11
N ILE B 254 -44.26 11.25 10.55
CA ILE B 254 -44.41 11.70 9.17
C ILE B 254 -44.07 13.19 9.02
N ARG B 255 -43.30 13.51 8.00
CA ARG B 255 -42.89 14.90 7.74
C ARG B 255 -42.84 15.18 6.24
N ASP B 256 -44.02 15.27 5.62
CA ASP B 256 -44.10 15.56 4.19
C ASP B 256 -44.25 17.06 3.96
N ILE C 2 38.88 -20.10 9.02
CA ILE C 2 38.23 -19.33 10.07
C ILE C 2 37.55 -20.24 11.09
N ASP C 3 38.04 -20.21 12.32
CA ASP C 3 37.47 -21.00 13.40
C ASP C 3 36.28 -20.27 14.00
N GLN C 4 35.08 -20.59 13.51
CA GLN C 4 33.86 -19.92 13.97
C GLN C 4 33.30 -20.58 15.23
N SER C 5 32.82 -19.76 16.15
CA SER C 5 32.13 -20.24 17.34
C SER C 5 30.99 -19.30 17.69
N VAL C 6 30.13 -19.73 18.60
CA VAL C 6 28.95 -18.95 18.98
C VAL C 6 28.61 -19.16 20.45
N VAL C 7 28.72 -18.08 21.23
CA VAL C 7 28.45 -18.13 22.67
C VAL C 7 27.05 -17.63 23.00
N ILE C 8 26.21 -18.54 23.48
CA ILE C 8 24.82 -18.20 23.79
C ILE C 8 24.64 -17.87 25.27
N SER C 9 23.96 -16.76 25.54
CA SER C 9 23.64 -16.38 26.90
C SER C 9 22.12 -16.31 27.09
N GLU C 10 21.67 -16.25 28.33
CA GLU C 10 20.24 -16.21 28.61
C GLU C 10 19.64 -14.87 28.21
N LYS C 11 20.33 -13.79 28.56
CA LYS C 11 19.87 -12.45 28.24
C LYS C 11 20.82 -11.76 27.27
N PHE C 12 20.29 -10.84 26.47
CA PHE C 12 21.11 -10.06 25.55
C PHE C 12 22.27 -9.40 26.28
N ALA C 13 21.95 -8.74 27.39
CA ALA C 13 22.96 -8.03 28.18
C ALA C 13 24.15 -8.91 28.49
N ASN C 14 23.89 -10.19 28.78
CA ASN C 14 24.95 -11.11 29.17
C ASN C 14 25.99 -11.33 28.07
N SER C 15 25.65 -11.00 26.84
CA SER C 15 26.60 -11.09 25.74
C SER C 15 27.74 -10.09 25.93
N ILE C 16 27.45 -9.00 26.64
CA ILE C 16 28.46 -7.99 26.93
C ILE C 16 29.52 -8.57 27.85
N PHE C 17 29.07 -9.15 28.96
CA PHE C 17 29.98 -9.76 29.92
C PHE C 17 30.80 -10.85 29.23
N ALA C 18 30.12 -11.77 28.56
CA ALA C 18 30.78 -12.86 27.86
C ALA C 18 31.92 -12.35 26.99
N ALA C 19 31.69 -11.22 26.33
CA ALA C 19 32.69 -10.62 25.45
C ALA C 19 33.85 -10.04 26.24
N VAL C 20 33.53 -9.32 27.31
CA VAL C 20 34.57 -8.72 28.15
C VAL C 20 35.47 -9.80 28.73
N GLU C 21 34.86 -10.86 29.25
CA GLU C 21 35.62 -11.97 29.80
C GLU C 21 36.51 -12.58 28.72
N HIS C 22 35.92 -12.90 27.58
CA HIS C 22 36.67 -13.47 26.47
C HIS C 22 37.91 -12.64 26.15
N ILE C 23 37.74 -11.32 26.12
CA ILE C 23 38.83 -10.41 25.81
C ILE C 23 39.91 -10.47 26.89
N LYS C 24 39.48 -10.52 28.14
CA LYS C 24 40.42 -10.62 29.27
C LYS C 24 41.29 -11.85 29.13
N LYS C 25 40.66 -12.99 28.85
CA LYS C 25 41.36 -14.25 28.69
C LYS C 25 42.41 -14.17 27.58
N GLN C 26 42.00 -13.64 26.43
CA GLN C 26 42.88 -13.53 25.28
C GLN C 26 44.07 -12.61 25.56
N ILE C 27 43.84 -11.55 26.32
CA ILE C 27 44.90 -10.62 26.67
C ILE C 27 45.93 -11.29 27.58
N LYS C 28 45.44 -12.03 28.58
CA LYS C 28 46.31 -12.75 29.49
C LYS C 28 47.19 -13.74 28.74
N GLU C 29 46.56 -14.57 27.91
CA GLU C 29 47.26 -15.62 27.17
C GLU C 29 48.28 -15.04 26.18
N ARG C 30 47.95 -13.91 25.58
CA ARG C 30 48.80 -13.32 24.55
C ARG C 30 49.73 -12.25 25.10
N ASP C 31 49.64 -12.00 26.40
CA ASP C 31 50.45 -10.96 27.03
C ASP C 31 50.21 -9.61 26.38
N SER C 32 48.94 -9.32 26.12
CA SER C 32 48.52 -8.02 25.58
C SER C 32 48.87 -7.83 24.10
N ASN C 33 49.24 -8.93 23.44
CA ASN C 33 49.43 -8.89 21.99
C ASN C 33 48.16 -9.34 21.29
N TYR C 34 47.09 -8.56 21.49
CA TYR C 34 45.77 -8.92 21.00
C TYR C 34 45.25 -7.82 20.06
N LYS C 35 44.77 -8.22 18.89
CA LYS C 35 44.29 -7.29 17.88
C LYS C 35 43.00 -7.84 17.30
N ALA C 36 41.88 -7.22 17.66
CA ALA C 36 40.58 -7.76 17.30
C ALA C 36 39.61 -6.68 16.86
N ILE C 37 38.66 -7.08 16.02
CA ILE C 37 37.55 -6.21 15.63
C ILE C 37 36.29 -6.72 16.30
N ILE C 38 35.52 -5.81 16.89
CA ILE C 38 34.30 -6.18 17.59
C ILE C 38 33.12 -5.37 17.05
N PHE C 39 32.22 -6.07 16.35
CA PHE C 39 31.10 -5.41 15.67
C PHE C 39 29.91 -5.19 16.60
N ALA C 40 29.13 -4.15 16.29
CA ALA C 40 27.95 -3.81 17.09
C ALA C 40 26.81 -3.32 16.20
N PRO C 41 25.56 -3.46 16.67
CA PRO C 41 24.39 -3.16 15.84
C PRO C 41 24.07 -1.68 15.68
N THR C 42 24.32 -0.87 16.71
CA THR C 42 24.01 0.56 16.64
C THR C 42 25.19 1.42 17.06
N VAL C 43 25.17 2.67 16.65
CA VAL C 43 26.26 3.60 16.95
C VAL C 43 26.36 3.87 18.45
N LYS C 44 25.22 4.18 19.08
CA LYS C 44 25.20 4.48 20.50
C LYS C 44 25.71 3.30 21.32
N PHE C 45 25.33 2.09 20.91
CA PHE C 45 25.79 0.89 21.60
C PHE C 45 27.27 0.65 21.36
N THR C 46 27.76 1.08 20.19
CA THR C 46 29.18 0.98 19.88
C THR C 46 29.98 1.85 20.85
N SER C 47 29.54 3.11 21.00
CA SER C 47 30.20 4.05 21.89
C SER C 47 30.15 3.52 23.32
N PHE C 48 29.00 2.99 23.72
CA PHE C 48 28.82 2.43 25.05
C PHE C 48 29.83 1.32 25.30
N LEU C 49 30.05 0.49 24.29
CA LEU C 49 31.00 -0.61 24.42
C LEU C 49 32.42 -0.10 24.58
N CYS C 50 32.75 0.99 23.88
CA CYS C 50 34.08 1.58 23.98
C CYS C 50 34.37 2.03 25.41
N SER C 51 33.37 2.65 26.05
CA SER C 51 33.50 3.07 27.43
C SER C 51 33.90 1.90 28.32
N ILE C 52 33.09 0.84 28.30
CA ILE C 52 33.36 -0.34 29.09
C ILE C 52 34.75 -0.91 28.77
N LEU C 53 35.00 -1.16 27.49
CA LEU C 53 36.27 -1.74 27.07
C LEU C 53 37.46 -0.87 27.49
N LYS C 54 37.27 0.44 27.47
CA LYS C 54 38.31 1.36 27.89
C LYS C 54 38.55 1.23 29.40
N ASN C 55 37.47 1.33 30.17
CA ASN C 55 37.56 1.17 31.62
C ASN C 55 38.19 -0.15 32.00
N GLU C 56 38.08 -1.13 31.12
CA GLU C 56 38.60 -2.47 31.40
C GLU C 56 40.02 -2.67 30.88
N PHE C 57 40.30 -2.17 29.68
CA PHE C 57 41.57 -2.48 29.02
C PHE C 57 42.28 -1.27 28.43
N LYS C 58 41.96 -0.08 28.94
CA LYS C 58 42.64 1.13 28.49
C LYS C 58 44.15 0.96 28.68
N LYS C 59 44.52 0.39 29.83
CA LYS C 59 45.91 0.18 30.18
C LYS C 59 46.62 -0.79 29.24
N ASP C 60 45.94 -1.86 28.86
CA ASP C 60 46.56 -2.93 28.07
C ASP C 60 46.55 -2.65 26.58
N LEU C 61 45.44 -2.13 26.08
CA LEU C 61 45.25 -2.00 24.64
C LEU C 61 44.67 -0.64 24.26
N PRO C 62 44.89 -0.22 23.01
CA PRO C 62 44.18 0.94 22.46
C PRO C 62 42.79 0.56 21.98
N ILE C 63 41.76 1.22 22.51
CA ILE C 63 40.39 0.94 22.13
C ILE C 63 39.91 1.99 21.13
N LEU C 64 39.55 1.54 19.92
CA LEU C 64 39.20 2.47 18.85
C LEU C 64 37.72 2.42 18.49
N GLU C 65 37.07 3.57 18.54
CA GLU C 65 35.66 3.70 18.15
C GLU C 65 35.57 4.10 16.68
N PHE C 66 34.65 3.46 15.95
CA PHE C 66 34.60 3.64 14.50
C PHE C 66 33.22 3.30 13.93
N HIS C 67 32.53 4.33 13.45
CA HIS C 67 31.19 4.15 12.88
C HIS C 67 30.83 5.31 11.95
N GLY C 68 29.68 5.21 11.30
CA GLY C 68 29.26 6.16 10.29
C GLY C 68 29.27 7.61 10.75
N LYS C 69 28.92 7.83 12.01
CA LYS C 69 28.89 9.17 12.58
C LYS C 69 30.24 9.61 13.16
N ILE C 70 31.32 9.06 12.65
CA ILE C 70 32.66 9.57 12.93
C ILE C 70 33.13 10.34 11.70
N THR C 71 33.62 11.55 11.91
CA THR C 71 33.96 12.44 10.81
C THR C 71 35.02 11.83 9.89
N GLN C 72 34.95 12.16 8.61
CA GLN C 72 35.78 11.52 7.60
C GLN C 72 37.26 11.63 7.90
N ASN C 73 37.69 12.80 8.38
CA ASN C 73 39.08 13.03 8.73
C ASN C 73 39.53 12.04 9.81
N LYS C 74 38.76 11.98 10.89
CA LYS C 74 39.07 11.09 12.00
C LYS C 74 38.99 9.63 11.59
N ARG C 75 38.16 9.33 10.59
CA ARG C 75 38.02 7.97 10.09
C ARG C 75 39.25 7.55 9.31
N THR C 76 39.77 8.45 8.50
CA THR C 76 40.94 8.18 7.67
C THR C 76 42.18 7.96 8.53
N SER C 77 42.24 8.66 9.66
CA SER C 77 43.43 8.62 10.50
C SER C 77 43.52 7.36 11.36
N LEU C 78 42.39 6.88 11.87
CA LEU C 78 42.41 5.73 12.77
C LEU C 78 42.30 4.41 12.00
N VAL C 79 41.99 4.50 10.72
CA VAL C 79 42.16 3.35 9.83
C VAL C 79 43.65 3.14 9.64
N LYS C 80 44.35 4.23 9.32
CA LYS C 80 45.79 4.20 9.16
C LYS C 80 46.45 3.73 10.46
N ARG C 81 45.98 4.25 11.59
CA ARG C 81 46.54 3.88 12.88
C ARG C 81 46.35 2.40 13.17
N PHE C 82 45.14 1.91 12.96
CA PHE C 82 44.83 0.52 13.27
C PHE C 82 45.55 -0.44 12.34
N LYS C 83 45.79 -0.01 11.11
CA LYS C 83 46.59 -0.78 10.17
C LYS C 83 47.99 -0.98 10.74
N LYS C 84 48.51 0.06 11.40
CA LYS C 84 49.86 0.03 11.96
C LYS C 84 49.91 -0.76 13.26
N ASP C 85 48.95 -0.54 14.15
CA ASP C 85 48.93 -1.20 15.44
C ASP C 85 48.98 -2.72 15.30
N GLU C 86 49.83 -3.36 16.11
CA GLU C 86 49.86 -4.80 16.18
C GLU C 86 49.06 -5.26 17.40
N SER C 87 48.52 -4.30 18.14
CA SER C 87 47.67 -4.60 19.29
C SER C 87 46.60 -3.52 19.44
N GLY C 88 45.37 -3.94 19.69
CA GLY C 88 44.27 -3.01 19.84
C GLY C 88 42.94 -3.60 19.42
N ILE C 89 41.86 -3.03 19.93
CA ILE C 89 40.51 -3.50 19.60
C ILE C 89 39.72 -2.42 18.88
N LEU C 90 39.29 -2.72 17.65
CA LEU C 90 38.48 -1.79 16.88
C LEU C 90 37.00 -2.12 17.05
N VAL C 91 36.29 -1.26 17.76
CA VAL C 91 34.85 -1.43 17.97
C VAL C 91 34.12 -0.63 16.90
N CYS C 92 33.24 -1.28 16.16
CA CYS C 92 32.58 -0.62 15.03
C CYS C 92 31.24 -1.22 14.67
N THR C 93 30.51 -0.50 13.82
CA THR C 93 29.27 -0.99 13.25
C THR C 93 29.60 -1.62 11.90
N ASP C 94 28.57 -2.05 11.17
CA ASP C 94 28.79 -2.62 9.84
C ASP C 94 29.20 -1.55 8.84
N VAL C 95 30.34 -0.93 9.10
CA VAL C 95 30.82 0.14 8.23
C VAL C 95 31.30 -0.44 6.90
N GLY C 96 31.35 0.39 5.87
CA GLY C 96 31.74 -0.03 4.55
C GLY C 96 33.19 -0.48 4.47
N ALA C 97 33.46 -1.42 3.56
CA ALA C 97 34.81 -1.97 3.41
C ALA C 97 35.80 -0.95 2.83
N ARG C 98 35.27 0.16 2.32
CA ARG C 98 36.08 1.25 1.76
C ARG C 98 37.58 0.92 1.74
N GLY C 99 38.19 0.91 2.93
CA GLY C 99 39.59 0.55 3.07
C GLY C 99 39.81 -0.15 4.39
N MET C 100 39.06 -1.23 4.59
CA MET C 100 39.03 -1.91 5.88
C MET C 100 39.87 -3.19 5.88
N ASP C 101 40.94 -3.19 5.08
CA ASP C 101 41.83 -4.35 5.04
C ASP C 101 42.91 -4.24 6.11
N PHE C 102 42.66 -4.86 7.27
CA PHE C 102 43.60 -4.80 8.38
C PHE C 102 44.41 -6.09 8.50
N PRO C 103 45.75 -5.98 8.53
CA PRO C 103 46.60 -7.16 8.68
C PRO C 103 46.70 -7.64 10.12
N ASN C 104 47.02 -8.92 10.31
CA ASN C 104 47.32 -9.47 11.62
C ASN C 104 46.20 -9.30 12.65
N VAL C 105 44.95 -9.42 12.19
CA VAL C 105 43.81 -9.43 13.11
C VAL C 105 43.54 -10.85 13.59
N HIS C 106 43.62 -11.05 14.90
CA HIS C 106 43.50 -12.39 15.48
C HIS C 106 42.05 -12.87 15.55
N GLU C 107 41.15 -12.01 16.00
CA GLU C 107 39.75 -12.40 16.15
C GLU C 107 38.77 -11.32 15.70
N VAL C 108 37.61 -11.76 15.23
CA VAL C 108 36.49 -10.86 14.99
C VAL C 108 35.34 -11.25 15.90
N LEU C 109 35.00 -10.36 16.83
CA LEU C 109 33.91 -10.61 17.76
C LEU C 109 32.64 -9.92 17.31
N GLN C 110 31.50 -10.55 17.59
CA GLN C 110 30.20 -9.99 17.23
C GLN C 110 29.24 -10.03 18.40
N ILE C 111 28.97 -8.86 18.99
CA ILE C 111 27.99 -8.76 20.06
C ILE C 111 26.61 -8.51 19.46
N GLY C 112 25.76 -9.53 19.49
CA GLY C 112 24.46 -9.44 18.85
C GLY C 112 24.57 -9.69 17.36
N VAL C 113 23.49 -10.17 16.76
CA VAL C 113 23.46 -10.45 15.33
C VAL C 113 23.69 -9.19 14.50
N PRO C 114 24.09 -9.37 13.23
CA PRO C 114 24.24 -8.27 12.29
C PRO C 114 22.89 -7.83 11.72
N SER C 115 22.82 -6.59 11.24
CA SER C 115 21.56 -6.05 10.72
C SER C 115 21.00 -6.88 9.57
N GLU C 116 21.86 -7.35 8.68
CA GLU C 116 21.42 -8.22 7.59
C GLU C 116 22.30 -9.46 7.45
N LEU C 117 21.67 -10.55 7.00
CA LEU C 117 22.30 -11.86 6.91
C LEU C 117 23.63 -11.83 6.18
N ALA C 118 23.74 -11.00 5.15
CA ALA C 118 24.94 -10.95 4.33
C ALA C 118 26.16 -10.51 5.12
N ASN C 119 25.96 -9.54 6.02
CA ASN C 119 27.09 -8.94 6.74
C ASN C 119 27.89 -9.93 7.59
N TYR C 120 27.27 -11.03 8.00
CA TYR C 120 27.99 -12.02 8.79
C TYR C 120 29.22 -12.48 8.02
N ILE C 121 29.05 -12.73 6.73
CA ILE C 121 30.15 -13.14 5.88
C ILE C 121 31.20 -12.03 5.80
N HIS C 122 30.74 -10.80 5.58
CA HIS C 122 31.62 -9.66 5.44
C HIS C 122 32.48 -9.43 6.69
N ARG C 123 31.89 -9.67 7.85
CA ARG C 123 32.58 -9.43 9.12
C ARG C 123 33.75 -10.39 9.33
N ILE C 124 33.47 -11.69 9.23
CA ILE C 124 34.48 -12.70 9.46
C ILE C 124 35.56 -12.70 8.37
N GLY C 125 35.28 -12.01 7.28
CA GLY C 125 36.27 -11.85 6.22
C GLY C 125 37.47 -11.06 6.70
N ARG C 126 37.28 -10.23 7.72
CA ARG C 126 38.33 -9.37 8.23
C ARG C 126 39.43 -10.11 8.99
N THR C 127 39.26 -11.42 9.16
CA THR C 127 40.28 -12.23 9.82
C THR C 127 40.64 -13.46 9.00
N ALA C 128 41.72 -14.12 9.39
CA ALA C 128 42.18 -15.33 8.72
C ALA C 128 42.33 -15.13 7.22
N ARG C 129 43.04 -14.08 6.82
CA ARG C 129 43.28 -13.79 5.42
C ARG C 129 44.76 -13.86 5.08
N SER C 130 45.06 -13.96 3.79
CA SER C 130 46.44 -14.10 3.31
C SER C 130 47.25 -15.11 4.12
N GLY C 131 46.70 -16.30 4.30
CA GLY C 131 47.41 -17.41 4.91
C GLY C 131 47.26 -17.53 6.41
N LYS C 132 47.17 -16.41 7.10
CA LYS C 132 47.13 -16.41 8.56
C LYS C 132 45.87 -17.08 9.10
N GLU C 133 45.95 -17.59 10.32
CA GLU C 133 44.80 -18.19 10.98
C GLU C 133 43.95 -17.10 11.63
N GLY C 134 42.73 -17.44 12.01
CA GLY C 134 41.83 -16.49 12.63
C GLY C 134 40.59 -17.15 13.22
N SER C 135 39.90 -16.42 14.08
CA SER C 135 38.71 -16.95 14.73
C SER C 135 37.58 -15.93 14.78
N SER C 136 36.34 -16.43 14.81
CA SER C 136 35.17 -15.59 14.96
C SER C 136 34.32 -16.07 16.13
N VAL C 137 33.85 -15.12 16.95
CA VAL C 137 32.99 -15.46 18.08
C VAL C 137 31.73 -14.63 18.05
N LEU C 138 30.60 -15.29 17.84
CA LEU C 138 29.31 -14.62 17.81
C LEU C 138 28.61 -14.73 19.15
N PHE C 139 28.55 -13.63 19.88
CA PHE C 139 27.86 -13.59 21.17
C PHE C 139 26.40 -13.21 20.99
N ILE C 140 25.51 -14.18 21.16
CA ILE C 140 24.08 -13.90 21.06
C ILE C 140 23.35 -14.40 22.32
N CYS C 141 22.06 -14.13 22.39
CA CYS C 141 21.25 -14.61 23.49
C CYS C 141 20.25 -15.65 23.00
N LYS C 142 19.64 -16.36 23.94
CA LYS C 142 18.63 -17.37 23.62
C LYS C 142 17.76 -16.99 22.43
N ASP C 143 17.14 -15.82 22.53
CA ASP C 143 16.09 -15.42 21.59
C ASP C 143 16.62 -15.03 20.22
N GLU C 144 17.94 -14.88 20.09
CA GLU C 144 18.55 -14.56 18.80
C GLU C 144 18.84 -15.81 17.99
N LEU C 145 18.68 -16.98 18.61
CA LEU C 145 19.11 -18.25 18.01
C LEU C 145 18.61 -18.47 16.58
N PRO C 146 17.33 -18.15 16.31
CA PRO C 146 16.79 -18.36 14.97
C PRO C 146 17.67 -17.79 13.86
N PHE C 147 18.56 -16.86 14.21
CA PHE C 147 19.51 -16.30 13.26
C PHE C 147 20.46 -17.36 12.73
N VAL C 148 20.97 -18.22 13.62
CA VAL C 148 21.93 -19.24 13.22
C VAL C 148 21.28 -20.19 12.22
N ARG C 149 20.05 -20.60 12.53
CA ARG C 149 19.30 -21.48 11.64
C ARG C 149 19.16 -20.82 10.26
N GLU C 150 18.92 -19.52 10.26
CA GLU C 150 18.72 -18.79 9.01
C GLU C 150 20.03 -18.70 8.23
N LEU C 151 21.15 -18.71 8.94
CA LEU C 151 22.45 -18.70 8.28
C LEU C 151 22.62 -19.97 7.45
N GLU C 152 22.17 -21.10 7.99
CA GLU C 152 22.24 -22.36 7.28
C GLU C 152 21.29 -22.37 6.08
N ASP C 153 20.00 -22.30 6.37
CA ASP C 153 18.99 -22.40 5.31
C ASP C 153 19.27 -21.44 4.17
N ALA C 154 19.70 -20.23 4.50
CA ALA C 154 19.91 -19.20 3.49
C ALA C 154 21.30 -19.24 2.86
N LYS C 155 22.31 -18.84 3.64
CA LYS C 155 23.68 -18.72 3.13
C LYS C 155 24.45 -20.03 3.25
N ASN C 156 23.83 -21.03 3.86
CA ASN C 156 24.43 -22.36 3.98
C ASN C 156 25.74 -22.34 4.76
N ILE C 157 25.76 -21.63 5.89
CA ILE C 157 26.92 -21.61 6.76
C ILE C 157 26.57 -22.21 8.12
N VAL C 158 27.42 -23.12 8.59
CA VAL C 158 27.23 -23.73 9.90
C VAL C 158 28.31 -23.25 10.85
N ILE C 159 27.91 -22.95 12.08
CA ILE C 159 28.87 -22.64 13.14
C ILE C 159 29.11 -23.88 13.98
N ALA C 160 30.29 -24.48 13.82
CA ALA C 160 30.60 -25.75 14.45
C ALA C 160 30.49 -25.68 15.97
N LYS C 161 31.27 -24.79 16.58
CA LYS C 161 31.39 -24.76 18.03
C LYS C 161 30.35 -23.85 18.69
N GLN C 162 29.41 -24.46 19.42
CA GLN C 162 28.45 -23.71 20.21
C GLN C 162 28.79 -23.87 21.69
N GLU C 163 28.29 -22.96 22.52
CA GLU C 163 28.60 -22.98 23.94
C GLU C 163 27.70 -22.02 24.72
N LYS C 164 27.21 -22.47 25.86
CA LYS C 164 26.35 -21.64 26.71
C LYS C 164 27.21 -20.82 27.68
N TYR C 165 26.64 -19.72 28.17
CA TYR C 165 27.37 -18.84 29.08
C TYR C 165 26.44 -18.19 30.10
N GLU C 166 26.79 -18.34 31.37
CA GLU C 166 26.11 -17.63 32.45
C GLU C 166 27.17 -16.87 33.23
N PRO C 167 27.01 -15.54 33.37
CA PRO C 167 28.05 -14.72 33.96
C PRO C 167 28.13 -14.83 35.48
N SER C 168 29.35 -14.76 36.01
CA SER C 168 29.56 -14.75 37.45
C SER C 168 29.06 -13.43 38.03
N GLU C 169 28.68 -13.44 39.31
CA GLU C 169 28.28 -12.21 39.98
C GLU C 169 29.46 -11.26 40.05
N GLU C 170 30.67 -11.81 39.98
CA GLU C 170 31.89 -11.01 40.02
C GLU C 170 32.03 -10.14 38.78
N ILE C 171 31.86 -10.74 37.61
CA ILE C 171 32.04 -10.01 36.36
C ILE C 171 30.96 -8.96 36.16
N LYS C 172 29.74 -9.28 36.55
CA LYS C 172 28.62 -8.35 36.42
C LYS C 172 28.90 -7.08 37.21
N SER C 173 29.50 -7.22 38.39
CA SER C 173 29.79 -6.09 39.26
C SER C 173 30.97 -5.28 38.75
N GLU C 174 31.99 -5.97 38.25
CA GLU C 174 33.19 -5.33 37.72
C GLU C 174 32.83 -4.41 36.56
N VAL C 175 31.98 -4.91 35.66
CA VAL C 175 31.59 -4.15 34.47
C VAL C 175 30.67 -3.00 34.84
N LEU C 176 29.54 -3.33 35.47
CA LEU C 176 28.53 -2.33 35.81
C LEU C 176 29.08 -1.20 36.67
N GLU C 177 30.05 -1.51 37.53
CA GLU C 177 30.66 -0.51 38.38
C GLU C 177 31.44 0.51 37.54
N ALA C 178 32.03 0.05 36.45
CA ALA C 178 32.83 0.90 35.59
C ALA C 178 31.98 1.66 34.57
N VAL C 179 30.66 1.46 34.61
CA VAL C 179 29.76 2.17 33.71
C VAL C 179 29.39 3.53 34.30
N THR C 180 29.83 4.60 33.63
CA THR C 180 29.63 5.95 34.14
C THR C 180 28.42 6.63 33.50
N GLU C 181 27.88 6.03 32.45
CA GLU C 181 26.73 6.59 31.76
C GLU C 181 25.55 6.76 32.70
N GLU C 182 24.74 7.79 32.45
CA GLU C 182 23.56 8.05 33.26
C GLU C 182 22.33 7.36 32.66
N PRO C 183 21.26 7.20 33.45
CA PRO C 183 20.06 6.49 33.01
C PRO C 183 19.49 6.98 31.69
N GLU C 184 19.51 8.29 31.46
CA GLU C 184 18.98 8.85 30.23
C GLU C 184 19.79 8.39 29.02
N ASP C 185 21.08 8.13 29.24
CA ASP C 185 21.95 7.64 28.17
C ASP C 185 21.74 6.15 27.94
N ILE C 186 21.58 5.40 29.03
CA ILE C 186 21.33 3.97 28.94
C ILE C 186 20.01 3.72 28.21
N SER C 187 19.05 4.63 28.42
CA SER C 187 17.76 4.54 27.75
C SER C 187 17.91 4.77 26.25
N ASP C 188 18.66 5.83 25.90
CA ASP C 188 18.94 6.10 24.49
C ASP C 188 19.60 4.91 23.84
N ILE C 189 20.54 4.31 24.56
CA ILE C 189 21.29 3.17 24.06
C ILE C 189 20.38 1.97 23.79
N VAL C 190 19.60 1.57 24.79
CA VAL C 190 18.74 0.41 24.68
C VAL C 190 17.67 0.60 23.60
N ILE C 191 17.13 1.80 23.49
CA ILE C 191 16.11 2.09 22.50
C ILE C 191 16.66 1.91 21.08
N SER C 192 17.91 2.29 20.87
CA SER C 192 18.54 2.12 19.58
C SER C 192 18.64 0.64 19.25
N LEU C 193 18.80 -0.18 20.29
CA LEU C 193 18.85 -1.63 20.11
C LEU C 193 17.45 -2.14 19.81
N ILE C 194 16.47 -1.66 20.57
CA ILE C 194 15.09 -2.06 20.37
C ILE C 194 14.68 -1.85 18.91
N SER C 195 15.07 -0.71 18.35
CA SER C 195 14.71 -0.38 16.97
C SER C 195 15.48 -1.25 15.99
N SER C 196 16.77 -1.47 16.26
CA SER C 196 17.59 -2.31 15.40
C SER C 196 17.00 -3.71 15.31
N TYR C 197 16.79 -4.33 16.46
CA TYR C 197 16.26 -5.68 16.49
C TYR C 197 14.85 -5.76 15.91
N ARG C 198 14.04 -4.72 16.14
CA ARG C 198 12.69 -4.71 15.61
C ARG C 198 12.71 -4.74 14.09
N SER C 199 13.76 -4.19 13.49
CA SER C 199 13.86 -4.07 12.05
C SER C 199 14.23 -5.38 11.36
N CYS C 200 14.79 -6.32 12.11
CA CYS C 200 15.25 -7.58 11.52
C CYS C 200 14.55 -8.80 12.14
N ILE C 201 13.30 -8.63 12.54
CA ILE C 201 12.53 -9.73 13.10
C ILE C 201 12.10 -10.70 12.01
N LYS C 202 11.34 -10.19 11.04
CA LYS C 202 10.83 -11.01 9.94
C LYS C 202 11.95 -11.76 9.24
N GLU C 203 13.06 -11.07 9.00
CA GLU C 203 14.18 -11.65 8.27
C GLU C 203 14.79 -12.83 9.01
N TYR C 204 14.85 -12.74 10.34
CA TYR C 204 15.49 -13.76 11.16
C TYR C 204 14.47 -14.65 11.87
N ARG C 205 13.20 -14.53 11.49
CA ARG C 205 12.13 -15.29 12.12
C ARG C 205 12.23 -15.26 13.64
N PHE C 206 12.36 -14.05 14.20
CA PHE C 206 12.38 -13.87 15.65
C PHE C 206 10.95 -13.87 16.18
N SER C 207 10.82 -14.07 17.49
CA SER C 207 9.52 -13.96 18.14
C SER C 207 9.41 -12.58 18.79
N GLU C 208 8.66 -11.69 18.17
CA GLU C 208 8.53 -10.32 18.67
C GLU C 208 8.20 -10.31 20.15
N ARG C 209 7.21 -11.12 20.55
CA ARG C 209 6.74 -11.13 21.92
C ARG C 209 7.83 -11.53 22.93
N ARG C 210 8.90 -12.15 22.44
CA ARG C 210 10.01 -12.54 23.31
C ARG C 210 11.22 -11.62 23.17
N ILE C 211 11.65 -11.38 21.94
CA ILE C 211 12.91 -10.69 21.68
C ILE C 211 12.91 -9.24 22.16
N LEU C 212 11.83 -8.51 21.90
CA LEU C 212 11.78 -7.10 22.26
C LEU C 212 11.86 -6.90 23.78
N PRO C 213 10.97 -7.55 24.54
CA PRO C 213 11.07 -7.44 26.00
C PRO C 213 12.48 -7.75 26.53
N GLU C 214 13.15 -8.74 25.94
CA GLU C 214 14.49 -9.12 26.38
C GLU C 214 15.47 -7.98 26.11
N ILE C 215 15.43 -7.43 24.91
CA ILE C 215 16.31 -6.33 24.54
C ILE C 215 16.08 -5.15 25.48
N ALA C 216 14.81 -4.84 25.74
CA ALA C 216 14.46 -3.73 26.60
C ALA C 216 14.95 -3.97 28.03
N SER C 217 14.90 -5.22 28.48
CA SER C 217 15.31 -5.58 29.83
C SER C 217 16.77 -5.19 30.09
N THR C 218 17.51 -4.98 29.01
CA THR C 218 18.91 -4.58 29.10
C THR C 218 19.04 -3.30 29.92
N TYR C 219 17.99 -2.48 29.88
CA TYR C 219 17.96 -1.23 30.62
C TYR C 219 18.14 -1.49 32.12
N GLY C 220 17.27 -2.32 32.69
CA GLY C 220 17.36 -2.68 34.09
C GLY C 220 18.68 -3.36 34.41
N VAL C 221 19.02 -4.38 33.64
CA VAL C 221 20.23 -5.15 33.87
C VAL C 221 21.47 -4.25 33.98
N LEU C 222 21.52 -3.20 33.17
CA LEU C 222 22.66 -2.29 33.18
C LEU C 222 22.61 -1.32 34.35
N LEU C 223 21.41 -0.95 34.78
CA LEU C 223 21.24 -0.08 35.94
C LEU C 223 21.10 -0.91 37.22
N ASN C 224 21.41 -2.20 37.10
CA ASN C 224 21.46 -3.08 38.27
C ASN C 224 20.12 -3.17 39.00
N ASP C 225 19.04 -3.16 38.24
CA ASP C 225 17.70 -3.32 38.80
C ASP C 225 16.84 -4.03 37.76
N PRO C 226 16.98 -5.37 37.66
CA PRO C 226 16.36 -6.19 36.62
C PRO C 226 14.87 -5.93 36.39
N GLN C 227 14.14 -5.51 37.41
CA GLN C 227 12.69 -5.31 37.28
C GLN C 227 12.31 -3.87 36.97
N LEU C 228 13.32 -3.01 36.79
CA LEU C 228 13.08 -1.61 36.43
C LEU C 228 12.89 -1.48 34.92
N LYS C 229 11.74 -0.98 34.50
CA LYS C 229 11.43 -0.83 33.08
C LYS C 229 11.80 0.55 32.56
N ILE C 230 11.79 0.71 31.24
CA ILE C 230 12.21 1.95 30.60
C ILE C 230 11.13 3.03 30.72
N PRO C 231 11.50 4.20 31.26
CA PRO C 231 10.55 5.31 31.43
C PRO C 231 10.33 6.09 30.15
N VAL C 232 9.07 6.19 29.71
CA VAL C 232 8.73 6.96 28.52
C VAL C 232 7.38 7.62 28.67
N SER C 233 7.12 8.65 27.86
CA SER C 233 5.83 9.32 27.83
C SER C 233 4.84 8.52 27.00
N ARG C 234 3.56 8.61 27.35
CA ARG C 234 2.50 7.95 26.60
C ARG C 234 2.59 8.37 25.15
N ARG C 235 3.07 9.59 24.92
CA ARG C 235 3.20 10.12 23.57
C ARG C 235 4.37 9.47 22.83
N PHE C 236 5.49 9.31 23.51
CA PHE C 236 6.66 8.69 22.90
C PHE C 236 6.36 7.25 22.52
N LEU C 237 5.58 6.57 23.35
CA LEU C 237 5.23 5.18 23.10
C LEU C 237 4.36 5.08 21.86
N ASP C 238 3.46 6.04 21.68
CA ASP C 238 2.66 6.11 20.46
C ASP C 238 3.58 6.29 19.26
N LYS C 239 4.63 7.09 19.44
CA LYS C 239 5.56 7.37 18.37
C LYS C 239 6.32 6.11 17.95
N LEU C 240 6.39 5.13 18.85
CA LEU C 240 7.00 3.84 18.53
C LEU C 240 5.96 2.83 18.04
N GLY C 241 4.69 3.09 18.38
CA GLY C 241 3.62 2.21 17.97
C GLY C 241 3.52 0.96 18.81
N LEU C 242 3.85 1.08 20.09
CA LEU C 242 3.73 -0.01 21.04
C LEU C 242 2.83 0.44 22.18
N SER C 243 1.92 1.37 21.86
CA SER C 243 1.06 1.99 22.85
C SER C 243 0.04 1.05 23.51
N ARG C 244 -0.86 0.48 22.71
CA ARG C 244 -1.92 -0.37 23.25
C ARG C 244 -1.50 -1.84 23.28
N SER C 245 -0.20 -2.07 23.36
CA SER C 245 0.33 -3.43 23.27
C SER C 245 0.81 -3.94 24.63
N PRO C 246 0.57 -5.23 24.91
CA PRO C 246 1.07 -5.84 26.15
C PRO C 246 2.59 -5.94 26.15
N ILE C 247 3.19 -6.05 24.97
CA ILE C 247 4.65 -6.03 24.85
C ILE C 247 5.17 -4.70 25.37
N GLY C 248 4.45 -3.62 25.05
CA GLY C 248 4.84 -2.30 25.50
C GLY C 248 4.79 -2.19 27.02
N LYS C 249 3.72 -2.72 27.61
CA LYS C 249 3.56 -2.71 29.06
C LYS C 249 4.67 -3.51 29.71
N ALA C 250 5.20 -4.49 28.98
CA ALA C 250 6.29 -5.33 29.49
C ALA C 250 7.63 -4.62 29.37
N MET C 251 7.76 -3.77 28.35
CA MET C 251 9.04 -3.13 28.06
C MET C 251 9.19 -1.78 28.75
N PHE C 252 8.09 -1.05 28.88
CA PHE C 252 8.15 0.35 29.27
C PHE C 252 7.37 0.70 30.54
N GLU C 253 7.69 1.85 31.11
CA GLU C 253 6.94 2.43 32.20
C GLU C 253 6.38 3.76 31.73
N ILE C 254 5.06 3.86 31.65
CA ILE C 254 4.43 5.09 31.17
C ILE C 254 4.55 6.17 32.22
N ARG C 255 4.94 7.36 31.78
CA ARG C 255 5.07 8.52 32.67
C ARG C 255 4.64 9.79 31.95
N ASP C 256 3.33 9.98 31.83
CA ASP C 256 2.76 11.12 31.12
C ASP C 256 2.28 12.21 32.06
N TYR C 257 2.19 11.89 33.35
CA TYR C 257 1.70 12.84 34.33
C TYR C 257 2.53 14.13 34.28
N ILE D 2 -16.81 -32.34 -24.91
CA ILE D 2 -17.57 -31.24 -25.46
C ILE D 2 -16.81 -30.59 -26.62
N ASP D 3 -17.52 -30.39 -27.73
CA ASP D 3 -16.92 -29.87 -28.94
C ASP D 3 -16.77 -28.35 -28.88
N GLN D 4 -15.55 -27.91 -28.55
CA GLN D 4 -15.28 -26.48 -28.41
C GLN D 4 -14.72 -25.87 -29.71
N SER D 5 -15.20 -24.69 -30.05
CA SER D 5 -14.68 -23.93 -31.19
C SER D 5 -14.64 -22.45 -30.83
N VAL D 6 -13.99 -21.64 -31.67
CA VAL D 6 -13.86 -20.21 -31.40
C VAL D 6 -13.87 -19.40 -32.70
N VAL D 7 -14.83 -18.49 -32.82
CA VAL D 7 -14.97 -17.67 -34.01
C VAL D 7 -14.38 -16.28 -33.80
N ILE D 8 -13.31 -15.97 -34.52
CA ILE D 8 -12.61 -14.70 -34.35
C ILE D 8 -13.05 -13.67 -35.38
N SER D 9 -13.38 -12.46 -34.90
CA SER D 9 -13.74 -11.35 -35.77
C SER D 9 -12.77 -10.19 -35.57
N GLU D 10 -12.78 -9.24 -36.51
CA GLU D 10 -11.89 -8.09 -36.43
C GLU D 10 -12.28 -7.15 -35.30
N LYS D 11 -13.57 -6.87 -35.19
CA LYS D 11 -14.09 -5.96 -34.16
C LYS D 11 -14.98 -6.72 -33.20
N PHE D 12 -15.02 -6.25 -31.94
CA PHE D 12 -15.91 -6.85 -30.95
C PHE D 12 -17.33 -6.92 -31.49
N ALA D 13 -17.82 -5.79 -31.99
CA ALA D 13 -19.18 -5.70 -32.48
C ALA D 13 -19.51 -6.86 -33.42
N ASN D 14 -18.55 -7.22 -34.27
CA ASN D 14 -18.77 -8.26 -35.27
C ASN D 14 -19.09 -9.63 -34.67
N SER D 15 -18.76 -9.82 -33.40
CA SER D 15 -19.11 -11.06 -32.72
C SER D 15 -20.62 -11.18 -32.58
N ILE D 16 -21.32 -10.05 -32.60
CA ILE D 16 -22.77 -10.05 -32.53
C ILE D 16 -23.33 -10.67 -33.81
N PHE D 17 -22.88 -10.16 -34.94
CA PHE D 17 -23.33 -10.64 -36.24
C PHE D 17 -23.03 -12.13 -36.37
N ALA D 18 -21.79 -12.50 -36.07
CA ALA D 18 -21.35 -13.89 -36.15
C ALA D 18 -22.30 -14.82 -35.40
N ALA D 19 -22.76 -14.37 -34.24
CA ALA D 19 -23.65 -15.18 -33.41
C ALA D 19 -25.05 -15.23 -34.00
N VAL D 20 -25.54 -14.10 -34.50
CA VAL D 20 -26.86 -14.05 -35.12
C VAL D 20 -26.91 -14.98 -36.32
N GLU D 21 -25.89 -14.89 -37.17
CA GLU D 21 -25.80 -15.76 -38.34
C GLU D 21 -25.76 -17.22 -37.91
N HIS D 22 -24.89 -17.53 -36.96
CA HIS D 22 -24.75 -18.89 -36.46
C HIS D 22 -26.11 -19.45 -36.00
N ILE D 23 -26.88 -18.60 -35.33
CA ILE D 23 -28.19 -19.00 -34.82
C ILE D 23 -29.17 -19.23 -35.95
N LYS D 24 -29.09 -18.40 -36.99
CA LYS D 24 -29.99 -18.54 -38.14
C LYS D 24 -29.74 -19.85 -38.86
N LYS D 25 -28.47 -20.20 -39.04
CA LYS D 25 -28.10 -21.46 -39.68
C LYS D 25 -28.63 -22.65 -38.89
N GLN D 26 -28.41 -22.64 -37.58
CA GLN D 26 -28.86 -23.73 -36.72
C GLN D 26 -30.37 -23.89 -36.74
N ILE D 27 -31.09 -22.77 -36.82
CA ILE D 27 -32.55 -22.80 -36.87
C ILE D 27 -33.04 -23.41 -38.18
N LYS D 28 -32.43 -23.01 -39.28
CA LYS D 28 -32.79 -23.54 -40.59
C LYS D 28 -32.57 -25.05 -40.66
N GLU D 29 -31.38 -25.49 -40.22
CA GLU D 29 -31.03 -26.90 -40.26
C GLU D 29 -31.91 -27.76 -39.36
N ARG D 30 -32.25 -27.23 -38.19
CA ARG D 30 -33.01 -27.98 -37.20
C ARG D 30 -34.52 -27.74 -37.32
N ASP D 31 -34.92 -26.91 -38.26
CA ASP D 31 -36.33 -26.56 -38.43
C ASP D 31 -36.91 -25.96 -37.15
N SER D 32 -36.13 -25.10 -36.52
CA SER D 32 -36.56 -24.36 -35.33
C SER D 32 -36.56 -25.20 -34.06
N ASN D 33 -35.99 -26.40 -34.12
CA ASN D 33 -35.82 -27.21 -32.93
C ASN D 33 -34.46 -26.93 -32.29
N TYR D 34 -34.26 -25.68 -31.89
CA TYR D 34 -32.97 -25.23 -31.38
C TYR D 34 -33.09 -24.74 -29.94
N LYS D 35 -32.19 -25.20 -29.08
CA LYS D 35 -32.23 -24.88 -27.67
C LYS D 35 -30.80 -24.58 -27.22
N ALA D 36 -30.51 -23.30 -27.00
CA ALA D 36 -29.13 -22.88 -26.72
C ALA D 36 -29.06 -21.81 -25.62
N ILE D 37 -27.94 -21.81 -24.91
CA ILE D 37 -27.66 -20.77 -23.93
C ILE D 37 -26.57 -19.87 -24.48
N ILE D 38 -26.78 -18.55 -24.40
CA ILE D 38 -25.85 -17.60 -24.96
C ILE D 38 -25.40 -16.58 -23.91
N PHE D 39 -24.16 -16.73 -23.45
CA PHE D 39 -23.64 -15.94 -22.34
C PHE D 39 -23.18 -14.55 -22.77
N ALA D 40 -23.28 -13.60 -21.84
CA ALA D 40 -22.88 -12.21 -22.10
C ALA D 40 -22.15 -11.64 -20.89
N PRO D 41 -21.35 -10.58 -21.10
CA PRO D 41 -20.50 -10.03 -20.04
C PRO D 41 -21.23 -9.12 -19.06
N THR D 42 -22.26 -8.41 -19.53
CA THR D 42 -22.97 -7.47 -18.68
C THR D 42 -24.48 -7.57 -18.82
N VAL D 43 -25.20 -7.11 -17.81
CA VAL D 43 -26.65 -7.18 -17.79
C VAL D 43 -27.25 -6.37 -18.94
N LYS D 44 -26.84 -5.11 -19.03
CA LYS D 44 -27.39 -4.21 -20.05
C LYS D 44 -27.18 -4.79 -21.45
N PHE D 45 -26.01 -5.36 -21.69
CA PHE D 45 -25.70 -5.96 -22.99
C PHE D 45 -26.57 -7.20 -23.21
N THR D 46 -26.88 -7.91 -22.13
CA THR D 46 -27.73 -9.09 -22.21
C THR D 46 -29.13 -8.69 -22.67
N SER D 47 -29.67 -7.66 -22.05
CA SER D 47 -30.99 -7.15 -22.43
C SER D 47 -30.95 -6.70 -23.89
N PHE D 48 -29.88 -6.00 -24.27
CA PHE D 48 -29.71 -5.56 -25.63
C PHE D 48 -29.75 -6.73 -26.59
N LEU D 49 -29.05 -7.81 -26.25
CA LEU D 49 -29.00 -9.00 -27.09
C LEU D 49 -30.40 -9.60 -27.27
N CYS D 50 -31.19 -9.59 -26.21
CA CYS D 50 -32.54 -10.15 -26.28
C CYS D 50 -33.39 -9.40 -27.30
N SER D 51 -33.27 -8.07 -27.32
CA SER D 51 -33.99 -7.26 -28.28
C SER D 51 -33.67 -7.70 -29.70
N ILE D 52 -32.39 -7.73 -30.04
CA ILE D 52 -31.94 -8.17 -31.35
C ILE D 52 -32.47 -9.57 -31.66
N LEU D 53 -32.13 -10.52 -30.80
CA LEU D 53 -32.53 -11.92 -31.00
C LEU D 53 -34.05 -12.07 -31.09
N LYS D 54 -34.77 -11.18 -30.42
CA LYS D 54 -36.23 -11.20 -30.47
C LYS D 54 -36.72 -10.70 -31.82
N ASN D 55 -36.17 -9.58 -32.26
CA ASN D 55 -36.50 -9.00 -33.56
C ASN D 55 -36.13 -9.96 -34.69
N GLU D 56 -35.17 -10.84 -34.42
CA GLU D 56 -34.68 -11.78 -35.42
C GLU D 56 -35.41 -13.11 -35.39
N PHE D 57 -35.69 -13.62 -34.19
CA PHE D 57 -36.20 -14.98 -34.05
C PHE D 57 -37.38 -15.09 -33.09
N LYS D 58 -38.09 -13.98 -32.86
CA LYS D 58 -39.28 -14.02 -32.02
C LYS D 58 -40.26 -15.04 -32.58
N LYS D 59 -40.39 -15.05 -33.90
CA LYS D 59 -41.31 -15.95 -34.59
C LYS D 59 -40.92 -17.42 -34.45
N ASP D 60 -39.63 -17.72 -34.47
CA ASP D 60 -39.15 -19.10 -34.49
C ASP D 60 -38.97 -19.69 -33.08
N LEU D 61 -38.47 -18.87 -32.17
CA LEU D 61 -38.08 -19.37 -30.85
C LEU D 61 -38.54 -18.43 -29.74
N PRO D 62 -38.62 -18.97 -28.51
CA PRO D 62 -38.78 -18.13 -27.32
C PRO D 62 -37.43 -17.60 -26.84
N ILE D 63 -37.33 -16.28 -26.67
CA ILE D 63 -36.08 -15.66 -26.22
C ILE D 63 -36.21 -15.26 -24.75
N LEU D 64 -35.36 -15.84 -23.90
CA LEU D 64 -35.47 -15.64 -22.46
C LEU D 64 -34.30 -14.85 -21.89
N GLU D 65 -34.62 -13.79 -21.16
CA GLU D 65 -33.61 -12.97 -20.50
C GLU D 65 -33.45 -13.44 -19.06
N PHE D 66 -32.20 -13.53 -18.60
CA PHE D 66 -31.91 -14.12 -17.29
C PHE D 66 -30.59 -13.59 -16.74
N HIS D 67 -30.65 -12.89 -15.61
CA HIS D 67 -29.46 -12.35 -14.98
C HIS D 67 -29.71 -11.98 -13.51
N GLY D 68 -28.66 -11.59 -12.81
CA GLY D 68 -28.71 -11.35 -11.38
C GLY D 68 -29.78 -10.36 -10.95
N LYS D 69 -30.03 -9.37 -11.81
CA LYS D 69 -31.02 -8.34 -11.53
C LYS D 69 -32.42 -8.68 -12.07
N ILE D 70 -32.71 -9.99 -12.12
CA ILE D 70 -34.07 -10.45 -12.36
C ILE D 70 -34.59 -10.99 -11.02
N THR D 71 -35.73 -10.48 -10.57
CA THR D 71 -36.26 -10.83 -9.25
C THR D 71 -36.40 -12.34 -9.11
N GLN D 72 -36.25 -12.83 -7.88
CA GLN D 72 -36.18 -14.27 -7.61
C GLN D 72 -37.42 -15.02 -8.08
N ASN D 73 -38.58 -14.38 -7.99
CA ASN D 73 -39.83 -15.00 -8.44
C ASN D 73 -39.82 -15.20 -9.95
N LYS D 74 -39.42 -14.16 -10.67
CA LYS D 74 -39.34 -14.23 -12.13
C LYS D 74 -38.26 -15.22 -12.55
N ARG D 75 -37.25 -15.38 -11.68
CA ARG D 75 -36.15 -16.29 -11.98
C ARG D 75 -36.57 -17.74 -11.81
N THR D 76 -37.29 -18.04 -10.73
CA THR D 76 -37.71 -19.41 -10.46
C THR D 76 -38.71 -19.91 -11.51
N SER D 77 -39.45 -18.98 -12.11
CA SER D 77 -40.48 -19.35 -13.09
C SER D 77 -39.90 -19.67 -14.47
N LEU D 78 -38.94 -18.88 -14.94
CA LEU D 78 -38.41 -19.06 -16.29
C LEU D 78 -37.34 -20.14 -16.31
N VAL D 79 -36.84 -20.51 -15.13
CA VAL D 79 -35.99 -21.68 -15.01
C VAL D 79 -36.85 -22.92 -15.22
N LYS D 80 -38.02 -22.92 -14.58
CA LYS D 80 -39.00 -23.98 -14.78
C LYS D 80 -39.41 -24.03 -16.25
N ARG D 81 -39.66 -22.86 -16.84
CA ARG D 81 -40.11 -22.79 -18.22
C ARG D 81 -39.05 -23.33 -19.19
N PHE D 82 -37.82 -22.84 -19.05
CA PHE D 82 -36.76 -23.22 -19.97
C PHE D 82 -36.45 -24.72 -19.85
N LYS D 83 -36.62 -25.25 -18.64
CA LYS D 83 -36.43 -26.68 -18.40
C LYS D 83 -37.43 -27.48 -19.22
N LYS D 84 -38.64 -26.93 -19.35
CA LYS D 84 -39.71 -27.58 -20.09
C LYS D 84 -39.54 -27.42 -21.60
N ASP D 85 -39.19 -26.20 -22.02
CA ASP D 85 -39.03 -25.92 -23.44
C ASP D 85 -38.03 -26.86 -24.11
N GLU D 86 -38.40 -27.37 -25.27
CA GLU D 86 -37.46 -28.15 -26.08
C GLU D 86 -36.87 -27.27 -27.18
N SER D 87 -37.32 -26.02 -27.23
CA SER D 87 -36.78 -25.03 -28.17
C SER D 87 -36.76 -23.65 -27.53
N GLY D 88 -35.66 -22.91 -27.73
CA GLY D 88 -35.54 -21.57 -27.19
C GLY D 88 -34.10 -21.19 -26.88
N ILE D 89 -33.86 -19.89 -26.77
CA ILE D 89 -32.53 -19.39 -26.47
C ILE D 89 -32.50 -18.61 -25.15
N LEU D 90 -31.74 -19.09 -24.19
CA LEU D 90 -31.58 -18.40 -22.91
C LEU D 90 -30.38 -17.47 -22.97
N VAL D 91 -30.64 -16.17 -22.99
CA VAL D 91 -29.56 -15.19 -22.95
C VAL D 91 -29.33 -14.78 -21.51
N CYS D 92 -28.10 -14.95 -21.04
CA CYS D 92 -27.81 -14.71 -19.63
C CYS D 92 -26.36 -14.31 -19.38
N THR D 93 -26.12 -13.83 -18.16
CA THR D 93 -24.76 -13.54 -17.70
C THR D 93 -24.22 -14.76 -16.99
N ASP D 94 -23.08 -14.62 -16.33
CA ASP D 94 -22.53 -15.72 -15.55
C ASP D 94 -23.32 -15.91 -14.26
N VAL D 95 -24.60 -16.26 -14.41
CA VAL D 95 -25.50 -16.37 -13.27
C VAL D 95 -25.01 -17.43 -12.29
N VAL D 105 -30.31 -29.10 -24.33
CA VAL D 105 -29.45 -27.97 -24.65
C VAL D 105 -28.40 -28.36 -25.67
N HIS D 106 -28.56 -27.88 -26.89
CA HIS D 106 -27.70 -28.28 -28.01
C HIS D 106 -26.37 -27.53 -28.03
N GLU D 107 -26.41 -26.22 -27.81
CA GLU D 107 -25.19 -25.41 -27.87
C GLU D 107 -25.08 -24.36 -26.78
N VAL D 108 -23.86 -24.08 -26.36
CA VAL D 108 -23.58 -22.94 -25.49
C VAL D 108 -22.76 -21.91 -26.26
N LEU D 109 -23.35 -20.75 -26.51
CA LEU D 109 -22.66 -19.69 -27.22
C LEU D 109 -22.12 -18.66 -26.24
N GLN D 110 -20.95 -18.10 -26.56
CA GLN D 110 -20.34 -17.09 -25.71
C GLN D 110 -19.92 -15.89 -26.53
N ILE D 111 -20.66 -14.79 -26.38
CA ILE D 111 -20.27 -13.54 -27.02
C ILE D 111 -19.32 -12.79 -26.09
N GLY D 112 -18.06 -12.70 -26.51
CA GLY D 112 -17.04 -12.08 -25.69
C GLY D 112 -16.62 -13.01 -24.57
N VAL D 113 -15.36 -12.86 -24.13
CA VAL D 113 -14.83 -13.67 -23.05
C VAL D 113 -15.64 -13.52 -21.77
N PRO D 114 -15.53 -14.50 -20.86
CA PRO D 114 -16.18 -14.41 -19.55
C PRO D 114 -15.42 -13.49 -18.62
N SER D 115 -16.07 -12.99 -17.57
CA SER D 115 -15.43 -12.07 -16.64
C SER D 115 -14.21 -12.68 -15.97
N GLU D 116 -14.30 -13.95 -15.58
CA GLU D 116 -13.15 -14.65 -15.00
C GLU D 116 -12.91 -16.00 -15.67
N LEU D 117 -11.63 -16.38 -15.71
CA LEU D 117 -11.17 -17.59 -16.38
C LEU D 117 -11.97 -18.82 -15.98
N ALA D 118 -12.34 -18.91 -14.70
CA ALA D 118 -13.05 -20.06 -14.18
C ALA D 118 -14.40 -20.28 -14.87
N ASN D 119 -15.12 -19.21 -15.13
CA ASN D 119 -16.48 -19.31 -15.67
C ASN D 119 -16.57 -20.04 -17.00
N TYR D 120 -15.49 -20.02 -17.77
CA TYR D 120 -15.49 -20.71 -19.05
C TYR D 120 -15.86 -22.17 -18.84
N ILE D 121 -15.26 -22.78 -17.84
CA ILE D 121 -15.56 -24.16 -17.48
C ILE D 121 -17.02 -24.30 -17.10
N HIS D 122 -17.48 -23.41 -16.22
CA HIS D 122 -18.84 -23.46 -15.72
C HIS D 122 -19.88 -23.34 -16.83
N ARG D 123 -19.59 -22.51 -17.83
CA ARG D 123 -20.52 -22.26 -18.92
C ARG D 123 -20.74 -23.51 -19.76
N ILE D 124 -19.65 -24.11 -20.24
CA ILE D 124 -19.73 -25.24 -21.15
C ILE D 124 -20.28 -26.51 -20.48
N GLY D 125 -20.40 -26.47 -19.15
CA GLY D 125 -20.96 -27.60 -18.42
C GLY D 125 -22.43 -27.36 -18.12
N SER D 136 -19.69 -25.90 -27.81
CA SER D 136 -19.39 -24.54 -27.38
C SER D 136 -18.79 -23.71 -28.50
N VAL D 137 -19.31 -22.50 -28.69
CA VAL D 137 -18.76 -21.57 -29.67
C VAL D 137 -18.42 -20.26 -28.99
N LEU D 138 -17.14 -19.90 -28.99
CA LEU D 138 -16.67 -18.68 -28.35
C LEU D 138 -16.42 -17.59 -29.39
N PHE D 139 -17.34 -16.62 -29.45
CA PHE D 139 -17.21 -15.52 -30.39
C PHE D 139 -16.39 -14.39 -29.76
N ILE D 140 -15.18 -14.19 -30.25
CA ILE D 140 -14.33 -13.11 -29.76
C ILE D 140 -13.80 -12.27 -30.91
N CYS D 141 -13.08 -11.20 -30.57
CA CYS D 141 -12.46 -10.36 -31.58
C CYS D 141 -10.95 -10.46 -31.49
N LYS D 142 -10.27 -9.97 -32.52
CA LYS D 142 -8.82 -10.01 -32.59
C LYS D 142 -8.16 -9.75 -31.24
N ASP D 143 -8.57 -8.69 -30.56
CA ASP D 143 -7.88 -8.23 -29.36
C ASP D 143 -8.19 -9.03 -28.11
N GLU D 144 -9.13 -9.96 -28.20
CA GLU D 144 -9.47 -10.81 -27.06
C GLU D 144 -8.67 -12.11 -27.07
N LEU D 145 -7.92 -12.35 -28.14
CA LEU D 145 -7.28 -13.65 -28.34
C LEU D 145 -6.43 -14.12 -27.17
N PRO D 146 -5.62 -13.21 -26.58
CA PRO D 146 -4.77 -13.62 -25.47
C PRO D 146 -5.51 -14.43 -24.40
N PHE D 147 -6.84 -14.39 -24.42
CA PHE D 147 -7.66 -15.20 -23.53
C PHE D 147 -7.47 -16.70 -23.78
N VAL D 148 -7.41 -17.07 -25.05
CA VAL D 148 -7.32 -18.48 -25.42
C VAL D 148 -6.01 -19.09 -24.91
N ARG D 149 -4.92 -18.35 -25.06
CA ARG D 149 -3.62 -18.83 -24.59
C ARG D 149 -3.60 -18.92 -23.08
N GLU D 150 -4.32 -18.03 -22.41
CA GLU D 150 -4.39 -18.03 -20.95
C GLU D 150 -5.21 -19.22 -20.46
N LEU D 151 -6.15 -19.68 -21.29
CA LEU D 151 -6.93 -20.87 -20.95
C LEU D 151 -6.02 -22.08 -20.83
N GLU D 152 -5.02 -22.17 -21.71
CA GLU D 152 -4.05 -23.25 -21.67
C GLU D 152 -3.15 -23.12 -20.45
N ASP D 153 -2.35 -22.05 -20.42
CA ASP D 153 -1.37 -21.86 -19.35
C ASP D 153 -1.97 -22.04 -17.96
N ALA D 154 -3.21 -21.57 -17.79
CA ALA D 154 -3.84 -21.58 -16.47
C ALA D 154 -4.69 -22.84 -16.24
N LYS D 155 -5.83 -22.91 -16.91
CA LYS D 155 -6.77 -24.01 -16.68
C LYS D 155 -6.41 -25.22 -17.53
N ASN D 156 -5.49 -25.05 -18.46
CA ASN D 156 -4.96 -26.18 -19.22
C ASN D 156 -5.98 -26.79 -20.17
N ILE D 157 -6.66 -25.91 -20.91
CA ILE D 157 -7.65 -26.33 -21.89
C ILE D 157 -7.27 -25.79 -23.28
N VAL D 158 -7.34 -26.66 -24.28
CA VAL D 158 -7.05 -26.26 -25.65
C VAL D 158 -8.31 -26.28 -26.50
N ILE D 159 -8.54 -25.20 -27.24
CA ILE D 159 -9.66 -25.12 -28.17
C ILE D 159 -9.18 -25.51 -29.56
N ALA D 160 -9.59 -26.69 -30.01
CA ALA D 160 -9.09 -27.26 -31.26
C ALA D 160 -9.48 -26.40 -32.48
N LYS D 161 -10.78 -26.21 -32.67
CA LYS D 161 -11.28 -25.56 -33.88
C LYS D 161 -11.31 -24.04 -33.77
N GLN D 162 -10.57 -23.36 -34.64
CA GLN D 162 -10.64 -21.91 -34.77
C GLN D 162 -11.20 -21.54 -36.13
N GLU D 163 -11.63 -20.29 -36.29
CA GLU D 163 -12.17 -19.83 -37.55
C GLU D 163 -12.28 -18.30 -37.57
N LYS D 164 -11.96 -17.70 -38.72
CA LYS D 164 -12.08 -16.26 -38.89
C LYS D 164 -13.46 -15.89 -39.42
N TYR D 165 -13.91 -14.68 -39.10
CA TYR D 165 -15.23 -14.22 -39.54
C TYR D 165 -15.25 -12.74 -39.89
N GLU D 166 -15.71 -12.44 -41.10
CA GLU D 166 -15.98 -11.08 -41.52
C GLU D 166 -17.41 -11.00 -42.02
N PRO D 167 -18.21 -10.10 -41.43
CA PRO D 167 -19.66 -10.07 -41.73
C PRO D 167 -19.98 -9.44 -43.08
N SER D 168 -21.02 -9.97 -43.73
CA SER D 168 -21.49 -9.40 -44.98
C SER D 168 -22.16 -8.05 -44.71
N GLU D 169 -22.21 -7.19 -45.72
CA GLU D 169 -22.91 -5.92 -45.58
C GLU D 169 -24.40 -6.18 -45.41
N GLU D 170 -24.84 -7.35 -45.86
CA GLU D 170 -26.24 -7.73 -45.74
C GLU D 170 -26.64 -7.97 -44.28
N ILE D 171 -25.84 -8.74 -43.57
CA ILE D 171 -26.15 -9.08 -42.18
C ILE D 171 -26.08 -7.84 -41.29
N LYS D 172 -25.05 -7.02 -41.51
CA LYS D 172 -24.87 -5.81 -40.72
C LYS D 172 -26.11 -4.92 -40.77
N SER D 173 -26.70 -4.79 -41.96
CA SER D 173 -27.87 -3.95 -42.15
C SER D 173 -29.11 -4.59 -41.53
N GLU D 174 -29.26 -5.89 -41.70
CA GLU D 174 -30.42 -6.61 -41.17
C GLU D 174 -30.51 -6.44 -39.66
N VAL D 175 -29.37 -6.59 -38.99
CA VAL D 175 -29.32 -6.50 -37.53
C VAL D 175 -29.54 -5.06 -37.06
N LEU D 176 -28.69 -4.15 -37.53
CA LEU D 176 -28.74 -2.77 -37.09
C LEU D 176 -30.10 -2.13 -37.30
N GLU D 177 -30.76 -2.47 -38.41
CA GLU D 177 -32.06 -1.88 -38.71
C GLU D 177 -33.13 -2.31 -37.72
N ALA D 178 -32.94 -3.49 -37.12
CA ALA D 178 -33.90 -4.00 -36.14
C ALA D 178 -33.64 -3.44 -34.75
N VAL D 179 -32.54 -2.70 -34.59
CA VAL D 179 -32.16 -2.13 -33.30
C VAL D 179 -32.93 -0.84 -33.02
N THR D 180 -33.81 -0.90 -32.03
CA THR D 180 -34.69 0.22 -31.71
C THR D 180 -34.16 1.08 -30.56
N GLU D 181 -33.12 0.61 -29.89
CA GLU D 181 -32.54 1.37 -28.77
C GLU D 181 -32.04 2.74 -29.23
N GLU D 182 -32.13 3.71 -28.33
CA GLU D 182 -31.66 5.06 -28.62
C GLU D 182 -30.20 5.23 -28.20
N PRO D 183 -29.51 6.22 -28.80
CA PRO D 183 -28.07 6.43 -28.58
C PRO D 183 -27.67 6.44 -27.11
N GLU D 184 -28.52 7.03 -26.27
CA GLU D 184 -28.23 7.11 -24.84
C GLU D 184 -28.18 5.72 -24.22
N ASP D 185 -29.01 4.82 -24.74
CA ASP D 185 -29.02 3.44 -24.27
C ASP D 185 -27.81 2.68 -24.81
N ILE D 186 -27.51 2.90 -26.08
CA ILE D 186 -26.35 2.25 -26.69
C ILE D 186 -25.09 2.67 -25.94
N SER D 187 -25.08 3.90 -25.44
CA SER D 187 -23.96 4.39 -24.66
C SER D 187 -23.84 3.61 -23.35
N ASP D 188 -24.94 3.54 -22.61
CA ASP D 188 -24.96 2.79 -21.36
C ASP D 188 -24.49 1.36 -21.57
N ILE D 189 -24.95 0.75 -22.65
CA ILE D 189 -24.61 -0.63 -22.96
C ILE D 189 -23.11 -0.79 -23.18
N VAL D 190 -22.56 0.01 -24.09
CA VAL D 190 -21.14 -0.07 -24.41
C VAL D 190 -20.27 0.25 -23.19
N ILE D 191 -20.65 1.27 -22.43
CA ILE D 191 -19.89 1.64 -21.24
C ILE D 191 -19.79 0.48 -20.26
N SER D 192 -20.86 -0.29 -20.11
CA SER D 192 -20.84 -1.46 -19.24
C SER D 192 -19.83 -2.48 -19.78
N LEU D 193 -19.71 -2.55 -21.11
CA LEU D 193 -18.76 -3.45 -21.72
C LEU D 193 -17.35 -2.94 -21.48
N ILE D 194 -17.16 -1.63 -21.65
CA ILE D 194 -15.88 -1.00 -21.40
C ILE D 194 -15.37 -1.36 -20.01
N SER D 195 -16.24 -1.20 -19.00
CA SER D 195 -15.86 -1.44 -17.61
C SER D 195 -15.63 -2.93 -17.34
N SER D 196 -16.45 -3.79 -17.93
CA SER D 196 -16.27 -5.23 -17.80
C SER D 196 -14.90 -5.65 -18.31
N TYR D 197 -14.59 -5.25 -19.55
CA TYR D 197 -13.31 -5.61 -20.16
C TYR D 197 -12.14 -4.98 -19.44
N ARG D 198 -12.33 -3.76 -18.94
CA ARG D 198 -11.28 -3.06 -18.22
C ARG D 198 -10.88 -3.85 -16.97
N SER D 199 -11.83 -4.59 -16.42
CA SER D 199 -11.62 -5.31 -15.16
C SER D 199 -10.85 -6.62 -15.34
N CYS D 200 -10.79 -7.12 -16.57
CA CYS D 200 -10.12 -8.39 -16.83
C CYS D 200 -9.01 -8.23 -17.89
N ILE D 201 -8.27 -7.14 -17.81
CA ILE D 201 -7.14 -6.93 -18.70
C ILE D 201 -5.91 -7.68 -18.20
N LYS D 202 -5.48 -7.37 -16.98
CA LYS D 202 -4.30 -7.99 -16.39
C LYS D 202 -4.42 -9.50 -16.36
N GLU D 203 -5.62 -9.99 -16.05
CA GLU D 203 -5.85 -11.42 -15.92
C GLU D 203 -5.70 -12.14 -17.26
N TYR D 204 -6.11 -11.50 -18.35
CA TYR D 204 -6.05 -12.10 -19.68
C TYR D 204 -4.91 -11.53 -20.52
N ARG D 205 -4.03 -10.76 -19.89
CA ARG D 205 -2.89 -10.15 -20.59
C ARG D 205 -3.31 -9.43 -21.86
N PHE D 206 -4.37 -8.64 -21.78
CA PHE D 206 -4.82 -7.83 -22.91
C PHE D 206 -3.93 -6.61 -23.08
N SER D 207 -4.11 -5.89 -24.18
CA SER D 207 -3.46 -4.62 -24.38
C SER D 207 -4.46 -3.48 -24.20
N GLU D 208 -4.41 -2.83 -23.05
CA GLU D 208 -5.36 -1.76 -22.73
C GLU D 208 -5.45 -0.77 -23.88
N ARG D 209 -4.30 -0.39 -24.42
CA ARG D 209 -4.24 0.57 -25.51
C ARG D 209 -5.09 0.18 -26.71
N ARG D 210 -5.25 -1.13 -26.93
CA ARG D 210 -5.99 -1.62 -28.09
C ARG D 210 -7.43 -2.02 -27.76
N ILE D 211 -7.58 -2.85 -26.73
CA ILE D 211 -8.87 -3.47 -26.43
C ILE D 211 -9.96 -2.45 -26.11
N LEU D 212 -9.65 -1.45 -25.29
CA LEU D 212 -10.68 -0.51 -24.85
C LEU D 212 -11.22 0.35 -26.01
N PRO D 213 -10.33 0.98 -26.78
CA PRO D 213 -10.82 1.71 -27.97
C PRO D 213 -11.71 0.86 -28.87
N GLU D 214 -11.38 -0.42 -29.01
CA GLU D 214 -12.17 -1.32 -29.84
C GLU D 214 -13.55 -1.53 -29.24
N ILE D 215 -13.61 -1.83 -27.95
CA ILE D 215 -14.89 -2.04 -27.29
C ILE D 215 -15.73 -0.78 -27.41
N ALA D 216 -15.10 0.37 -27.20
CA ALA D 216 -15.79 1.66 -27.27
C ALA D 216 -16.29 1.95 -28.69
N SER D 217 -15.56 1.45 -29.69
CA SER D 217 -15.93 1.68 -31.08
C SER D 217 -17.27 1.03 -31.41
N THR D 218 -17.69 0.09 -30.57
CA THR D 218 -18.95 -0.62 -30.76
C THR D 218 -20.10 0.39 -30.82
N TYR D 219 -19.93 1.51 -30.11
CA TYR D 219 -20.92 2.58 -30.09
C TYR D 219 -21.21 3.05 -31.52
N GLY D 220 -20.16 3.45 -32.23
CA GLY D 220 -20.29 3.88 -33.61
C GLY D 220 -20.86 2.80 -34.50
N VAL D 221 -20.24 1.62 -34.47
CA VAL D 221 -20.68 0.51 -35.29
C VAL D 221 -22.19 0.28 -35.19
N LEU D 222 -22.73 0.34 -33.98
CA LEU D 222 -24.15 0.08 -33.76
C LEU D 222 -25.02 1.23 -34.24
N LEU D 223 -24.52 2.46 -34.13
CA LEU D 223 -25.25 3.61 -34.62
C LEU D 223 -24.90 3.90 -36.09
N ASN D 224 -24.19 2.97 -36.71
CA ASN D 224 -23.90 3.04 -38.14
C ASN D 224 -23.08 4.27 -38.51
N ASP D 225 -22.12 4.62 -37.65
CA ASP D 225 -21.20 5.71 -37.92
C ASP D 225 -19.87 5.40 -37.24
N PRO D 226 -19.07 4.51 -37.84
CA PRO D 226 -17.84 3.97 -37.26
C PRO D 226 -16.91 4.98 -36.61
N GLN D 227 -16.90 6.22 -37.10
CA GLN D 227 -15.97 7.22 -36.58
C GLN D 227 -16.61 8.13 -35.53
N LEU D 228 -17.83 7.80 -35.14
CA LEU D 228 -18.51 8.53 -34.08
C LEU D 228 -18.14 7.98 -32.71
N LYS D 229 -17.59 8.82 -31.85
CA LYS D 229 -17.15 8.40 -30.53
C LYS D 229 -18.24 8.62 -29.48
N ILE D 230 -18.03 8.08 -28.28
CA ILE D 230 -19.04 8.16 -27.23
C ILE D 230 -19.00 9.52 -26.54
N PRO D 231 -20.17 10.19 -26.44
CA PRO D 231 -20.26 11.49 -25.79
C PRO D 231 -20.31 11.40 -24.27
N VAL D 232 -19.42 12.12 -23.59
CA VAL D 232 -19.42 12.17 -22.13
C VAL D 232 -18.94 13.53 -21.63
N SER D 233 -19.26 13.85 -20.40
CA SER D 233 -18.81 15.08 -19.78
C SER D 233 -17.40 14.91 -19.24
N ARG D 234 -16.67 16.00 -19.15
CA ARG D 234 -15.32 15.98 -18.59
C ARG D 234 -15.35 15.42 -17.17
N ARG D 235 -16.46 15.64 -16.48
CA ARG D 235 -16.63 15.13 -15.12
C ARG D 235 -16.80 13.61 -15.14
N PHE D 236 -17.63 13.12 -16.05
CA PHE D 236 -17.89 11.69 -16.16
C PHE D 236 -16.61 10.95 -16.56
N LEU D 237 -15.78 11.61 -17.36
CA LEU D 237 -14.52 11.04 -17.78
C LEU D 237 -13.60 10.88 -16.57
N ASP D 238 -13.62 11.86 -15.68
CA ASP D 238 -12.86 11.79 -14.45
C ASP D 238 -13.34 10.63 -13.58
N LYS D 239 -14.65 10.43 -13.55
CA LYS D 239 -15.24 9.35 -12.77
C LYS D 239 -14.70 8.00 -13.22
N LEU D 240 -14.41 7.89 -14.52
CA LEU D 240 -13.86 6.65 -15.07
C LEU D 240 -12.35 6.60 -14.91
N GLY D 241 -11.73 7.77 -14.73
CA GLY D 241 -10.30 7.85 -14.54
C GLY D 241 -9.53 7.70 -15.84
N LEU D 242 -10.12 8.18 -16.92
CA LEU D 242 -9.49 8.15 -18.23
C LEU D 242 -9.38 9.59 -18.74
N SER D 243 -9.27 10.51 -17.79
CA SER D 243 -9.29 11.94 -18.10
C SER D 243 -8.06 12.46 -18.86
N ARG D 244 -6.87 12.26 -18.32
CA ARG D 244 -5.65 12.73 -18.98
C ARG D 244 -5.07 11.66 -19.88
N SER D 245 -5.92 10.75 -20.35
CA SER D 245 -5.45 9.60 -21.12
C SER D 245 -5.74 9.75 -22.60
N PRO D 246 -4.75 9.45 -23.46
CA PRO D 246 -5.01 9.43 -24.90
C PRO D 246 -6.04 8.38 -25.28
N ILE D 247 -5.98 7.22 -24.62
CA ILE D 247 -7.01 6.20 -24.79
C ILE D 247 -8.39 6.82 -24.64
N GLY D 248 -8.53 7.72 -23.66
CA GLY D 248 -9.79 8.42 -23.44
C GLY D 248 -10.17 9.27 -24.64
N LYS D 249 -9.21 10.01 -25.17
CA LYS D 249 -9.44 10.83 -26.35
C LYS D 249 -9.88 9.94 -27.52
N ALA D 250 -9.41 8.70 -27.51
CA ALA D 250 -9.72 7.76 -28.59
C ALA D 250 -11.11 7.17 -28.44
N MET D 251 -11.56 7.03 -27.20
CA MET D 251 -12.83 6.37 -26.91
C MET D 251 -14.01 7.35 -26.84
N PHE D 252 -13.74 8.58 -26.41
CA PHE D 252 -14.83 9.49 -26.05
C PHE D 252 -14.81 10.83 -26.78
N GLU D 253 -15.96 11.51 -26.71
CA GLU D 253 -16.11 12.86 -27.22
C GLU D 253 -16.49 13.75 -26.03
N ILE D 254 -15.52 14.49 -25.51
CA ILE D 254 -15.73 15.27 -24.28
C ILE D 254 -16.74 16.41 -24.51
N ARG D 255 -17.51 16.74 -23.48
CA ARG D 255 -18.65 17.64 -23.64
C ARG D 255 -18.72 18.75 -22.59
N ASP D 256 -17.62 18.96 -21.86
CA ASP D 256 -17.55 20.06 -20.90
C ASP D 256 -18.58 19.93 -19.79
N TYR D 257 -19.84 20.27 -20.09
CA TYR D 257 -20.90 20.23 -19.10
C TYR D 257 -21.90 19.14 -19.44
#